data_5FOQ
#
_entry.id   5FOQ
#
_cell.length_a   79.020
_cell.length_b   111.770
_cell.length_c   227.090
_cell.angle_alpha   90.00
_cell.angle_beta   90.00
_cell.angle_gamma   90.00
#
_symmetry.space_group_name_H-M   'P 21 21 21'
#
loop_
_entity.id
_entity.type
_entity.pdbx_description
1 polymer ACETYLCHOLINESTERASE
2 non-polymer 2-acetamido-2-deoxy-beta-D-glucopyranose
3 non-polymer 2-(2,4-dichlorophenoxy)-N-[4-(1-piperidinylmethyl)phenyl]acetamide
4 non-polymer 2-(2-METHOXYETHOXY)ETHANOL
5 non-polymer 2,5,8,11,14,17-HEXAOXANONADECAN-19-OL
6 water water
#
_entity_poly.entity_id   1
_entity_poly.type   'polypeptide(L)'
_entity_poly.pdbx_seq_one_letter_code
;EGREDPQLLVRVRGGQLRGIRLKAPGGPVSAFLGIPFAEPPVGSRRFMPPEPKRPWSGVLDATTFQNVCYQYVDTLYPGF
EGTEMWNPNRELSEDCLYLNVWTPYPRPASPTPVLIWIYGGGFYSGAASLDVYDGRFLAQVEGAVLVSMNYRVGTFGFLA
LPGSREAPGNVGLLDQRLALQWVQENIAAFGGDPMSVTLFGESAGAASVGMHILSLPSRSLFHRAVLQSGTPNGPWATVS
AGEARRRATLLARLVGCPPGGAGGNDTELIACLRTRPAQDLVDHEWHVLPQESIFRFSFVPVVDGDFLSDTPEALINTGD
FQDLQVLVGVVKDEGSYFLVYGVPGFSKDNESLISRAQFLAGVRIGVPQASDLAAEAVVLHYTDWLHPEDPTHLRDAMSA
VVGDHNVVCPVAQLAGRLAAQGARVYAYIFEHRASTLTWPLWMGVPHGYEIEFIFGLPLDPSLNYTTEERIFAQRLMKYW
TNFARTGDPNDPRDSKSPQWPPYTTAAQQYVSLNLKPLEVRRGLRAQTCAFWNRFLPKLLSATATEAP
;
_entity_poly.pdbx_strand_id   A,B
#
# COMPACT_ATOMS: atom_id res chain seq x y z
N GLU A 1 23.53 53.01 -36.90
CA GLU A 1 24.74 52.85 -36.10
C GLU A 1 25.45 54.20 -35.99
N GLY A 2 26.40 54.30 -35.06
CA GLY A 2 27.12 55.53 -34.86
C GLY A 2 26.95 56.08 -33.46
N ARG A 3 25.70 56.27 -33.04
CA ARG A 3 25.40 56.79 -31.70
C ARG A 3 24.68 55.76 -30.83
N GLU A 4 24.67 54.51 -31.27
CA GLU A 4 24.06 53.45 -30.48
C GLU A 4 25.03 53.01 -29.39
N ASP A 5 24.55 52.21 -28.44
CA ASP A 5 25.42 51.59 -27.45
C ASP A 5 26.17 50.48 -28.15
N PRO A 6 27.51 50.62 -28.25
CA PRO A 6 28.35 49.62 -28.94
C PRO A 6 28.31 48.24 -28.29
N GLN A 7 27.74 48.11 -27.09
CA GLN A 7 27.68 46.81 -26.43
C GLN A 7 26.42 46.03 -26.79
N LEU A 8 25.50 46.70 -27.49
CA LEU A 8 24.22 46.10 -27.84
C LEU A 8 24.10 45.72 -29.30
N LEU A 9 25.22 45.74 -30.03
CA LEU A 9 25.19 45.39 -31.44
C LEU A 9 25.98 44.11 -31.68
N VAL A 10 25.35 43.17 -32.39
CA VAL A 10 25.88 41.83 -32.54
C VAL A 10 25.42 41.25 -33.87
N ARG A 11 26.27 40.44 -34.51
CA ARG A 11 25.88 39.73 -35.72
C ARG A 11 25.66 38.24 -35.45
N VAL A 12 24.62 37.66 -36.05
CA VAL A 12 24.41 36.22 -36.06
C VAL A 12 24.28 35.74 -37.50
N ARG A 13 24.24 34.41 -37.68
CA ARG A 13 24.21 33.81 -39.01
C ARG A 13 23.21 34.47 -39.96
N GLY A 14 22.10 34.92 -39.42
CA GLY A 14 21.03 35.50 -40.21
C GLY A 14 21.14 36.99 -40.50
N GLY A 15 22.02 37.68 -39.78
CA GLY A 15 22.18 39.11 -39.95
C GLY A 15 22.52 39.83 -38.66
N GLN A 16 22.29 41.14 -38.65
CA GLN A 16 22.62 42.01 -37.52
C GLN A 16 21.45 42.22 -36.57
N LEU A 17 21.76 42.35 -35.27
CA LEU A 17 20.74 42.54 -34.24
C LEU A 17 21.07 43.73 -33.37
N ARG A 18 20.04 44.46 -32.94
CA ARG A 18 20.22 45.46 -31.89
C ARG A 18 19.47 45.05 -30.62
N GLY A 19 20.21 44.84 -29.53
CA GLY A 19 19.62 44.50 -28.26
C GLY A 19 19.39 45.70 -27.35
N ILE A 20 18.91 45.41 -26.14
CA ILE A 20 18.57 46.45 -25.18
C ILE A 20 19.28 46.25 -23.83
N ARG A 21 19.65 47.35 -23.19
CA ARG A 21 20.28 47.32 -21.88
C ARG A 21 19.19 47.30 -20.81
N LEU A 22 19.07 46.20 -20.09
CA LEU A 22 18.02 46.04 -19.08
C LEU A 22 18.55 46.26 -17.67
N LYS A 23 17.74 46.88 -16.82
CA LYS A 23 18.10 47.03 -15.42
C LYS A 23 17.73 45.79 -14.62
N ALA A 24 18.70 45.24 -13.89
CA ALA A 24 18.43 44.22 -12.90
C ALA A 24 18.81 44.84 -11.56
N PRO A 25 18.40 44.21 -10.45
CA PRO A 25 18.64 44.81 -9.13
C PRO A 25 20.10 45.18 -8.86
N GLY A 26 21.03 44.36 -9.32
CA GLY A 26 22.44 44.58 -9.01
C GLY A 26 23.27 45.12 -10.16
N GLY A 27 22.61 45.54 -11.24
CA GLY A 27 23.31 46.12 -12.37
C GLY A 27 22.65 45.77 -13.69
N PRO A 28 23.23 46.25 -14.80
CA PRO A 28 22.67 46.07 -16.14
C PRO A 28 22.91 44.68 -16.74
N VAL A 29 22.01 44.24 -17.61
CA VAL A 29 22.22 43.04 -18.42
C VAL A 29 21.90 43.37 -19.86
N SER A 30 22.39 42.56 -20.79
CA SER A 30 22.03 42.67 -22.20
C SER A 30 20.92 41.67 -22.57
N ALA A 31 19.84 42.16 -23.17
CA ALA A 31 18.80 41.27 -23.68
C ALA A 31 18.67 41.42 -25.19
N PHE A 32 18.61 40.29 -25.88
CA PHE A 32 18.28 40.27 -27.29
C PHE A 32 16.99 39.47 -27.47
N LEU A 33 15.87 40.17 -27.60
CA LEU A 33 14.57 39.55 -27.60
C LEU A 33 13.92 39.54 -28.98
N GLY A 34 13.22 38.46 -29.29
CA GLY A 34 12.52 38.35 -30.55
C GLY A 34 13.43 38.06 -31.74
N ILE A 35 14.49 37.29 -31.51
CA ILE A 35 15.32 36.83 -32.62
C ILE A 35 14.62 35.70 -33.37
N PRO A 36 14.32 35.92 -34.66
CA PRO A 36 13.69 34.84 -35.44
C PRO A 36 14.68 33.72 -35.69
N PHE A 37 14.27 32.46 -35.51
CA PHE A 37 15.16 31.32 -35.79
C PHE A 37 14.58 30.39 -36.85
N ALA A 38 13.35 30.67 -37.29
CA ALA A 38 12.75 29.88 -38.36
C ALA A 38 11.89 30.73 -39.30
N GLU A 39 11.61 30.20 -40.49
CA GLU A 39 10.60 30.81 -41.33
C GLU A 39 9.25 30.68 -40.64
N PRO A 40 8.47 31.77 -40.67
CA PRO A 40 7.13 31.78 -40.07
C PRO A 40 6.32 30.57 -40.52
N PRO A 41 6.00 29.66 -39.59
CA PRO A 41 5.27 28.43 -39.97
C PRO A 41 3.82 28.72 -40.30
N VAL A 42 3.58 29.55 -41.31
CA VAL A 42 2.23 30.01 -41.66
C VAL A 42 1.78 29.49 -43.02
N GLY A 43 0.47 29.57 -43.27
CA GLY A 43 -0.07 29.13 -44.54
C GLY A 43 0.22 27.68 -44.83
N SER A 44 0.85 27.43 -45.98
CA SER A 44 1.17 26.08 -46.42
C SER A 44 2.19 25.40 -45.50
N ARG A 45 2.77 26.16 -44.57
CA ARG A 45 3.75 25.58 -43.64
C ARG A 45 3.16 25.13 -42.31
N ARG A 46 1.90 25.47 -42.06
CA ARG A 46 1.21 24.98 -40.87
C ARG A 46 1.32 23.45 -40.80
N PHE A 47 1.63 22.93 -39.61
CA PHE A 47 1.79 21.48 -39.36
C PHE A 47 3.13 20.93 -39.83
N MET A 48 3.85 21.71 -40.64
CA MET A 48 5.13 21.27 -41.19
C MET A 48 6.30 21.51 -40.21
N PRO A 49 7.35 20.70 -40.33
CA PRO A 49 8.64 20.91 -39.67
C PRO A 49 9.12 22.33 -39.94
N PRO A 50 9.85 22.93 -38.99
CA PRO A 50 10.25 24.33 -39.23
C PRO A 50 11.38 24.39 -40.24
N GLU A 51 11.43 25.47 -41.00
CA GLU A 51 12.59 25.75 -41.86
C GLU A 51 13.41 26.87 -41.23
N PRO A 52 14.74 26.72 -41.20
CA PRO A 52 15.63 27.76 -40.69
C PRO A 52 15.35 29.12 -41.33
N LYS A 53 15.41 30.18 -40.52
CA LYS A 53 15.09 31.53 -40.97
C LYS A 53 16.11 31.99 -42.00
N ARG A 54 15.64 32.55 -43.10
CA ARG A 54 16.52 33.04 -44.14
C ARG A 54 17.08 34.39 -43.74
N PRO A 55 18.37 34.65 -44.04
CA PRO A 55 19.06 35.87 -43.62
C PRO A 55 18.23 37.11 -43.89
N TRP A 56 18.31 38.10 -43.00
CA TRP A 56 17.63 39.35 -43.22
C TRP A 56 18.63 40.47 -43.50
N SER A 57 18.12 41.64 -43.89
CA SER A 57 19.00 42.77 -44.20
C SER A 57 18.79 43.91 -43.22
N GLY A 58 19.87 44.66 -42.97
CA GLY A 58 19.83 45.76 -42.02
C GLY A 58 19.95 45.25 -40.60
N VAL A 59 19.69 46.14 -39.66
CA VAL A 59 19.76 45.75 -38.25
C VAL A 59 18.36 45.42 -37.73
N LEU A 60 18.13 44.15 -37.44
CA LEU A 60 16.89 43.71 -36.84
C LEU A 60 16.80 44.24 -35.41
N ASP A 61 15.71 44.93 -35.10
CA ASP A 61 15.47 45.35 -33.73
C ASP A 61 15.07 44.15 -32.84
N ALA A 62 15.92 43.85 -31.86
CA ALA A 62 15.70 42.74 -30.94
C ALA A 62 15.49 43.26 -29.53
N THR A 63 14.60 44.24 -29.37
CA THR A 63 14.44 44.88 -28.08
C THR A 63 13.10 44.61 -27.38
N THR A 64 12.25 43.80 -27.99
CA THR A 64 10.96 43.48 -27.39
C THR A 64 10.56 42.05 -27.67
N PHE A 65 9.78 41.48 -26.77
CA PHE A 65 9.29 40.13 -26.98
C PHE A 65 8.40 40.03 -28.21
N GLN A 66 8.58 38.97 -28.98
CA GLN A 66 7.73 38.71 -30.12
C GLN A 66 6.43 37.95 -29.80
N ASN A 67 5.65 37.69 -30.85
CA ASN A 67 4.34 37.06 -30.72
C ASN A 67 4.40 35.75 -29.96
N VAL A 68 3.33 35.47 -29.23
CA VAL A 68 3.15 34.16 -28.61
C VAL A 68 2.49 33.21 -29.60
N CYS A 69 2.90 31.96 -29.61
CA CYS A 69 2.31 30.97 -30.51
C CYS A 69 0.81 30.79 -30.24
N TYR A 70 0.03 30.57 -31.30
CA TYR A 70 -1.42 30.48 -31.13
C TYR A 70 -1.78 29.39 -30.15
N GLN A 71 -2.62 29.74 -29.17
CA GLN A 71 -2.94 28.79 -28.10
C GLN A 71 -4.25 29.07 -27.38
N TYR A 72 -4.72 28.05 -26.67
CA TYR A 72 -5.94 28.15 -25.89
C TYR A 72 -5.65 29.03 -24.68
N VAL A 73 -6.49 30.03 -24.43
CA VAL A 73 -6.32 30.89 -23.27
C VAL A 73 -7.24 30.50 -22.10
N ASP A 74 -6.63 30.30 -20.94
CA ASP A 74 -7.33 29.91 -19.71
C ASP A 74 -8.30 30.98 -19.21
N THR A 75 -9.55 30.58 -19.00
CA THR A 75 -10.58 31.51 -18.51
C THR A 75 -11.26 31.04 -17.23
N LEU A 76 -10.63 30.11 -16.51
CA LEU A 76 -11.23 29.55 -15.29
C LEU A 76 -11.52 30.64 -14.25
N TYR A 77 -10.58 31.52 -14.01
CA TYR A 77 -10.80 32.59 -13.04
C TYR A 77 -10.36 33.92 -13.64
N PRO A 78 -11.23 34.54 -14.43
CA PRO A 78 -10.99 35.80 -15.13
C PRO A 78 -10.48 36.91 -14.19
N GLY A 79 -9.29 37.43 -14.47
CA GLY A 79 -8.74 38.54 -13.70
C GLY A 79 -7.99 38.15 -12.42
N PHE A 80 -7.96 36.86 -12.13
CA PHE A 80 -7.25 36.35 -10.96
C PHE A 80 -5.79 36.19 -11.32
N GLU A 81 -4.90 36.70 -10.47
CA GLU A 81 -3.47 36.72 -10.79
C GLU A 81 -2.91 35.32 -10.94
N GLY A 82 -3.42 34.40 -10.13
CA GLY A 82 -2.90 33.05 -10.07
C GLY A 82 -3.02 32.32 -11.39
N THR A 83 -4.04 32.66 -12.19
CA THR A 83 -4.18 32.12 -13.53
C THR A 83 -3.58 33.03 -14.62
N GLU A 84 -3.77 34.35 -14.50
CA GLU A 84 -3.31 35.29 -15.53
C GLU A 84 -1.80 35.21 -15.76
N MET A 85 -1.04 35.02 -14.69
CA MET A 85 0.43 35.00 -14.79
C MET A 85 0.94 33.96 -15.77
N TRP A 86 0.07 33.03 -16.17
CA TRP A 86 0.47 31.97 -17.10
C TRP A 86 -0.07 32.24 -18.50
N ASN A 87 -0.91 33.25 -18.65
CA ASN A 87 -1.54 33.50 -19.94
C ASN A 87 -0.63 34.29 -20.87
N PRO A 88 -0.89 34.21 -22.18
CA PRO A 88 -0.13 34.98 -23.18
C PRO A 88 -0.06 36.47 -22.85
N ASN A 89 1.16 37.01 -22.81
CA ASN A 89 1.38 38.42 -22.52
C ASN A 89 1.82 39.20 -23.77
N ARG A 90 1.70 38.57 -24.94
CA ARG A 90 1.95 39.24 -26.21
C ARG A 90 0.92 38.71 -27.18
N GLU A 91 0.77 39.40 -28.30
CA GLU A 91 -0.19 39.03 -29.33
C GLU A 91 -0.03 37.58 -29.76
N LEU A 92 -1.16 36.90 -30.01
CA LEU A 92 -1.12 35.52 -30.49
C LEU A 92 -0.94 35.49 -32.00
N SER A 93 -0.15 34.55 -32.49
CA SER A 93 0.10 34.47 -33.91
C SER A 93 0.73 33.12 -34.25
N GLU A 94 0.50 32.65 -35.47
CA GLU A 94 1.24 31.51 -35.97
C GLU A 94 2.67 31.90 -36.34
N ASP A 95 2.90 33.20 -36.55
CA ASP A 95 4.25 33.73 -36.72
C ASP A 95 4.84 33.99 -35.35
N CYS A 96 5.56 33.00 -34.80
CA CYS A 96 5.89 33.01 -33.38
C CYS A 96 7.22 32.34 -33.06
N LEU A 97 7.90 31.83 -34.06
CA LEU A 97 9.17 31.14 -33.83
C LEU A 97 10.33 32.13 -33.62
N TYR A 98 10.45 32.65 -32.40
CA TYR A 98 11.48 33.61 -32.07
C TYR A 98 12.12 33.16 -30.77
N LEU A 99 13.38 33.50 -30.53
CA LEU A 99 14.00 33.17 -29.25
C LEU A 99 14.62 34.40 -28.62
N ASN A 100 14.89 34.30 -27.32
CA ASN A 100 15.43 35.39 -26.53
C ASN A 100 16.79 35.03 -25.93
N VAL A 101 17.67 36.02 -25.81
CA VAL A 101 18.97 35.83 -25.18
C VAL A 101 19.28 36.91 -24.15
N TRP A 102 19.71 36.50 -22.96
CA TRP A 102 20.17 37.43 -21.94
C TRP A 102 21.62 37.09 -21.65
N THR A 103 22.45 38.12 -21.52
CA THR A 103 23.84 37.94 -21.16
C THR A 103 24.22 39.05 -20.21
N PRO A 104 25.32 38.88 -19.47
CA PRO A 104 25.92 39.96 -18.68
C PRO A 104 26.16 41.22 -19.52
N TYR A 105 26.34 42.36 -18.86
CA TYR A 105 26.66 43.60 -19.56
C TYR A 105 27.83 44.22 -18.83
N PRO A 106 28.95 44.44 -19.54
CA PRO A 106 29.17 44.10 -20.96
C PRO A 106 29.21 42.59 -21.14
N ARG A 107 29.16 42.12 -22.39
CA ARG A 107 29.12 40.68 -22.65
C ARG A 107 30.40 40.03 -22.15
N PRO A 108 30.30 38.76 -21.74
CA PRO A 108 31.41 37.98 -21.18
C PRO A 108 32.62 37.98 -22.10
N ALA A 109 33.81 38.18 -21.55
CA ALA A 109 35.02 38.20 -22.38
C ALA A 109 35.63 36.80 -22.54
N SER A 110 35.16 35.85 -21.74
CA SER A 110 35.50 34.44 -21.92
C SER A 110 34.22 33.64 -22.08
N PRO A 111 34.30 32.48 -22.76
CA PRO A 111 33.12 31.66 -23.09
C PRO A 111 32.34 31.17 -21.85
N THR A 112 31.08 31.54 -21.78
CA THR A 112 30.28 31.29 -20.60
C THR A 112 29.25 30.19 -20.82
N PRO A 113 29.11 29.29 -19.84
CA PRO A 113 28.12 28.21 -19.85
C PRO A 113 26.71 28.73 -20.11
N VAL A 114 25.99 28.05 -21.01
CA VAL A 114 24.68 28.49 -21.49
C VAL A 114 23.54 27.69 -20.88
N LEU A 115 22.46 28.38 -20.51
CA LEU A 115 21.25 27.70 -20.06
C LEU A 115 20.15 27.98 -21.06
N ILE A 116 19.45 26.93 -21.47
CA ILE A 116 18.34 27.06 -22.41
C ILE A 116 17.05 26.61 -21.74
N TRP A 117 16.08 27.52 -21.63
CA TRP A 117 14.83 27.27 -20.96
C TRP A 117 13.73 26.83 -21.94
N ILE A 118 13.04 25.76 -21.58
CA ILE A 118 11.88 25.32 -22.36
C ILE A 118 10.64 25.38 -21.48
N TYR A 119 9.73 26.29 -21.78
CA TYR A 119 8.52 26.49 -20.97
C TYR A 119 7.61 25.29 -21.02
N GLY A 120 6.83 25.14 -19.97
CA GLY A 120 5.78 24.13 -20.01
C GLY A 120 4.44 24.73 -20.33
N GLY A 121 3.36 24.00 -19.98
CA GLY A 121 1.96 24.35 -20.32
C GLY A 121 1.26 23.25 -21.17
N GLY A 122 1.51 22.00 -20.78
CA GLY A 122 0.82 20.85 -21.31
C GLY A 122 0.94 20.66 -22.82
N PHE A 123 1.93 21.26 -23.44
CA PHE A 123 2.09 21.29 -24.88
C PHE A 123 0.93 21.99 -25.66
N TYR A 124 0.09 22.73 -24.96
CA TYR A 124 -0.99 23.47 -25.62
C TYR A 124 -0.89 25.02 -25.42
N SER A 125 0.04 25.39 -24.59
CA SER A 125 0.11 26.74 -24.11
C SER A 125 1.55 27.01 -23.68
N GLY A 126 1.79 28.25 -23.28
CA GLY A 126 3.10 28.66 -22.80
C GLY A 126 3.73 29.73 -23.68
N ALA A 127 4.73 30.43 -23.16
CA ALA A 127 5.49 31.45 -23.88
C ALA A 127 6.81 31.75 -23.20
N ALA A 128 7.85 32.02 -23.97
CA ALA A 128 9.14 32.31 -23.37
C ALA A 128 9.20 33.73 -22.79
N SER A 129 8.14 34.49 -22.99
CA SER A 129 8.11 35.91 -22.64
C SER A 129 7.42 36.23 -21.30
N LEU A 130 6.92 35.20 -20.62
CA LEU A 130 6.25 35.40 -19.34
C LEU A 130 7.21 35.94 -18.30
N ASP A 131 6.68 36.72 -17.37
CA ASP A 131 7.48 37.31 -16.30
C ASP A 131 8.35 36.33 -15.50
N VAL A 132 7.81 35.17 -15.15
CA VAL A 132 8.51 34.21 -14.29
C VAL A 132 9.68 33.52 -15.01
N TYR A 133 9.78 33.75 -16.32
CA TYR A 133 10.89 33.21 -17.09
C TYR A 133 11.96 34.28 -17.41
N ASP A 134 11.94 35.41 -16.70
CA ASP A 134 12.85 36.54 -16.95
C ASP A 134 14.30 36.18 -16.66
N GLY A 135 15.11 36.10 -17.72
CA GLY A 135 16.50 35.69 -17.57
C GLY A 135 17.44 36.73 -16.99
N ARG A 136 16.93 37.91 -16.65
CA ARG A 136 17.82 39.02 -16.27
C ARG A 136 18.60 38.75 -14.99
N PHE A 137 17.99 38.02 -14.05
CA PHE A 137 18.61 37.74 -12.76
C PHE A 137 19.71 36.68 -12.81
N LEU A 138 19.47 35.60 -13.56
CA LEU A 138 20.51 34.59 -13.73
C LEU A 138 21.70 35.21 -14.51
N ALA A 139 21.41 36.00 -15.54
CA ALA A 139 22.45 36.70 -16.30
C ALA A 139 23.27 37.63 -15.41
N GLN A 140 22.60 38.56 -14.74
CA GLN A 140 23.29 39.51 -13.87
C GLN A 140 24.00 38.84 -12.69
N VAL A 141 23.27 38.06 -11.90
CA VAL A 141 23.84 37.57 -10.65
C VAL A 141 24.86 36.45 -10.83
N GLU A 142 24.54 35.49 -11.71
CA GLU A 142 25.42 34.34 -11.90
C GLU A 142 26.29 34.43 -13.15
N GLY A 143 26.05 35.44 -13.98
CA GLY A 143 26.82 35.63 -15.20
C GLY A 143 26.49 34.61 -16.27
N ALA A 144 25.27 34.09 -16.25
CA ALA A 144 24.87 33.06 -17.20
C ALA A 144 24.50 33.68 -18.54
N VAL A 145 24.70 32.93 -19.62
CA VAL A 145 24.00 33.24 -20.86
C VAL A 145 22.71 32.41 -20.91
N LEU A 146 21.58 33.10 -20.95
CA LEU A 146 20.29 32.41 -20.92
C LEU A 146 19.52 32.58 -22.23
N VAL A 147 19.09 31.45 -22.79
CA VAL A 147 18.25 31.45 -23.99
C VAL A 147 16.93 30.78 -23.68
N SER A 148 15.85 31.38 -24.16
CA SER A 148 14.54 30.74 -24.14
C SER A 148 13.93 30.91 -25.53
N MET A 149 13.24 29.87 -25.99
CA MET A 149 12.64 29.93 -27.32
C MET A 149 11.14 29.65 -27.27
N ASN A 150 10.42 30.25 -28.21
CA ASN A 150 9.02 29.91 -28.46
C ASN A 150 8.99 28.67 -29.35
N TYR A 151 8.07 27.75 -29.07
CA TYR A 151 7.85 26.59 -29.94
C TYR A 151 6.35 26.41 -30.14
N ARG A 152 5.94 25.88 -31.28
CA ARG A 152 4.53 25.68 -31.57
C ARG A 152 3.89 24.69 -30.59
N VAL A 153 2.69 25.04 -30.11
CA VAL A 153 1.96 24.18 -29.20
C VAL A 153 0.58 23.87 -29.77
N GLY A 154 -0.15 22.97 -29.11
CA GLY A 154 -1.49 22.63 -29.56
C GLY A 154 -1.45 21.91 -30.90
N THR A 155 -2.52 22.07 -31.66
CA THR A 155 -2.58 21.52 -33.02
C THR A 155 -1.37 21.94 -33.89
N PHE A 156 -1.01 23.23 -33.85
CA PHE A 156 0.05 23.77 -34.71
C PHE A 156 1.36 23.09 -34.40
N GLY A 157 1.55 22.71 -33.15
CA GLY A 157 2.77 22.05 -32.75
C GLY A 157 2.74 20.55 -32.83
N PHE A 158 1.56 19.95 -32.64
CA PHE A 158 1.50 18.51 -32.35
C PHE A 158 0.42 17.67 -33.04
N LEU A 159 -0.47 18.30 -33.79
CA LEU A 159 -1.41 17.55 -34.60
C LEU A 159 -0.67 16.66 -35.59
N ALA A 160 -0.89 15.37 -35.50
CA ALA A 160 -0.21 14.41 -36.37
C ALA A 160 -1.17 13.46 -37.06
N LEU A 161 -0.92 13.24 -38.34
CA LEU A 161 -1.51 12.13 -39.06
C LEU A 161 -0.33 11.25 -39.40
N PRO A 162 0.10 10.43 -38.43
CA PRO A 162 1.38 9.71 -38.46
C PRO A 162 1.59 8.97 -39.76
N GLY A 163 2.78 9.14 -40.34
CA GLY A 163 3.09 8.52 -41.61
C GLY A 163 2.93 9.46 -42.79
N SER A 164 2.09 10.48 -42.64
CA SER A 164 1.89 11.46 -43.72
C SER A 164 3.07 12.43 -43.85
N ARG A 165 3.20 13.03 -45.03
CA ARG A 165 4.23 14.04 -45.26
C ARG A 165 3.86 15.39 -44.66
N GLU A 166 2.60 15.76 -44.78
CA GLU A 166 2.16 17.10 -44.46
C GLU A 166 1.94 17.38 -42.96
N ALA A 167 1.84 16.33 -42.15
CA ALA A 167 1.64 16.49 -40.72
C ALA A 167 2.21 15.30 -39.96
N PRO A 168 3.55 15.24 -39.90
CA PRO A 168 4.25 14.08 -39.36
C PRO A 168 4.21 14.06 -37.82
N GLY A 169 3.79 15.16 -37.22
CA GLY A 169 3.72 15.27 -35.77
C GLY A 169 5.03 15.71 -35.15
N ASN A 170 4.98 16.10 -33.88
CA ASN A 170 6.18 16.52 -33.15
C ASN A 170 6.88 17.78 -33.68
N VAL A 171 6.24 18.56 -34.55
CA VAL A 171 6.93 19.71 -35.13
C VAL A 171 7.28 20.75 -34.08
N GLY A 172 6.50 20.80 -33.00
CA GLY A 172 6.81 21.64 -31.87
C GLY A 172 8.16 21.28 -31.25
N LEU A 173 8.47 19.99 -31.24
CA LEU A 173 9.76 19.54 -30.72
C LEU A 173 10.88 19.87 -31.70
N LEU A 174 10.54 19.87 -33.00
CA LEU A 174 11.51 20.21 -34.03
C LEU A 174 11.81 21.71 -33.99
N ASP A 175 10.84 22.50 -33.54
CA ASP A 175 11.06 23.91 -33.33
C ASP A 175 12.16 24.07 -32.28
N GLN A 176 11.99 23.39 -31.16
CA GLN A 176 12.94 23.44 -30.06
C GLN A 176 14.33 23.02 -30.51
N ARG A 177 14.39 21.96 -31.31
CA ARG A 177 15.66 21.45 -31.80
C ARG A 177 16.36 22.48 -32.70
N LEU A 178 15.57 23.22 -33.48
CA LEU A 178 16.09 24.22 -34.40
C LEU A 178 16.75 25.35 -33.62
N ALA A 179 16.10 25.78 -32.54
CA ALA A 179 16.66 26.76 -31.63
C ALA A 179 17.96 26.24 -31.01
N LEU A 180 17.98 24.96 -30.63
CA LEU A 180 19.20 24.36 -30.09
C LEU A 180 20.35 24.42 -31.11
N GLN A 181 20.01 24.24 -32.39
CA GLN A 181 21.01 24.30 -33.46
C GLN A 181 21.45 25.74 -33.62
N TRP A 182 20.50 26.65 -33.48
CA TRP A 182 20.79 28.07 -33.59
C TRP A 182 21.76 28.46 -32.50
N VAL A 183 21.58 27.91 -31.29
CA VAL A 183 22.52 28.21 -30.21
C VAL A 183 23.91 27.68 -30.52
N GLN A 184 23.99 26.46 -31.03
CA GLN A 184 25.30 25.91 -31.41
C GLN A 184 26.01 26.82 -32.43
N GLU A 185 25.26 27.44 -33.32
CA GLU A 185 25.91 28.20 -34.36
C GLU A 185 26.22 29.65 -34.00
N ASN A 186 25.39 30.25 -33.16
CA ASN A 186 25.42 31.70 -33.01
C ASN A 186 25.75 32.20 -31.61
N ILE A 187 25.67 31.31 -30.62
CA ILE A 187 25.75 31.75 -29.22
C ILE A 187 27.13 32.29 -28.83
N ALA A 188 28.16 31.84 -29.53
CA ALA A 188 29.52 32.36 -29.34
C ALA A 188 29.59 33.87 -29.61
N ALA A 189 28.70 34.38 -30.47
CA ALA A 189 28.67 35.81 -30.78
C ALA A 189 28.19 36.65 -29.60
N PHE A 190 27.62 36.00 -28.59
CA PHE A 190 27.13 36.70 -27.41
C PHE A 190 28.08 36.45 -26.24
N GLY A 191 29.18 35.73 -26.50
CA GLY A 191 30.06 35.30 -25.43
C GLY A 191 29.64 34.00 -24.73
N GLY A 192 28.66 33.29 -25.28
CA GLY A 192 28.26 32.00 -24.73
C GLY A 192 29.12 30.83 -25.23
N ASP A 193 29.26 29.81 -24.41
CA ASP A 193 30.04 28.63 -24.77
C ASP A 193 29.12 27.57 -25.36
N PRO A 194 29.25 27.30 -26.68
CA PRO A 194 28.40 26.27 -27.28
C PRO A 194 28.78 24.85 -26.83
N MET A 195 29.97 24.70 -26.26
CA MET A 195 30.43 23.40 -25.79
CA MET A 195 30.43 23.40 -25.79
C MET A 195 30.00 23.13 -24.35
N SER A 196 29.22 24.05 -23.78
CA SER A 196 28.63 23.84 -22.45
C SER A 196 27.21 24.38 -22.43
N VAL A 197 26.27 23.57 -22.91
CA VAL A 197 24.86 23.93 -22.96
C VAL A 197 24.02 23.00 -22.08
N THR A 198 23.29 23.60 -21.15
CA THR A 198 22.43 22.86 -20.23
C THR A 198 20.98 23.19 -20.56
N LEU A 199 20.15 22.16 -20.81
CA LEU A 199 18.73 22.41 -20.98
C LEU A 199 18.03 22.37 -19.63
N PHE A 200 17.01 23.21 -19.47
CA PHE A 200 16.14 23.12 -18.30
C PHE A 200 14.75 23.63 -18.63
N GLY A 201 13.76 23.03 -17.98
CA GLY A 201 12.36 23.29 -18.25
C GLY A 201 11.49 22.63 -17.21
N GLU A 202 10.21 22.97 -17.23
CA GLU A 202 9.30 22.53 -16.20
C GLU A 202 8.00 22.04 -16.82
N SER A 203 7.34 21.09 -16.14
CA SER A 203 6.13 20.42 -16.66
C SER A 203 6.37 19.91 -18.09
N ALA A 204 5.56 20.33 -19.05
CA ALA A 204 5.77 19.91 -20.43
C ALA A 204 7.16 20.32 -20.98
N GLY A 205 7.76 21.37 -20.41
CA GLY A 205 9.12 21.77 -20.76
C GLY A 205 10.12 20.71 -20.33
N ALA A 206 9.93 20.18 -19.13
CA ALA A 206 10.73 19.08 -18.63
C ALA A 206 10.55 17.84 -19.52
N ALA A 207 9.30 17.47 -19.82
CA ALA A 207 9.04 16.35 -20.72
C ALA A 207 9.81 16.57 -22.03
N SER A 208 9.72 17.80 -22.55
CA SER A 208 10.50 18.20 -23.74
C SER A 208 11.99 17.93 -23.57
N VAL A 209 12.57 18.39 -22.46
CA VAL A 209 14.00 18.13 -22.22
C VAL A 209 14.26 16.64 -22.28
N GLY A 210 13.37 15.85 -21.70
CA GLY A 210 13.51 14.40 -21.72
C GLY A 210 13.46 13.79 -23.10
N MET A 211 12.64 14.36 -23.98
CA MET A 211 12.57 13.87 -25.35
C MET A 211 13.89 14.10 -26.08
N HIS A 212 14.55 15.22 -25.79
CA HIS A 212 15.82 15.56 -26.45
C HIS A 212 16.90 14.59 -26.01
N ILE A 213 16.84 14.16 -24.75
CA ILE A 213 17.76 13.13 -24.26
C ILE A 213 17.53 11.81 -25.01
N LEU A 214 16.26 11.52 -25.29
CA LEU A 214 15.88 10.23 -25.89
C LEU A 214 15.96 10.24 -27.40
N SER A 215 16.14 11.42 -27.98
CA SER A 215 16.19 11.54 -29.43
C SER A 215 17.60 11.88 -29.92
N LEU A 216 18.19 10.93 -30.66
CA LEU A 216 19.60 10.97 -31.02
C LEU A 216 20.10 12.29 -31.63
N PRO A 217 19.38 12.82 -32.64
CA PRO A 217 19.81 14.07 -33.27
C PRO A 217 19.94 15.25 -32.31
N SER A 218 19.14 15.31 -31.26
CA SER A 218 19.25 16.38 -30.28
C SER A 218 20.48 16.22 -29.40
N ARG A 219 20.97 14.99 -29.29
CA ARG A 219 21.92 14.67 -28.25
C ARG A 219 23.21 15.47 -28.35
N SER A 220 23.59 15.82 -29.58
CA SER A 220 24.80 16.56 -29.84
C SER A 220 24.60 18.07 -29.72
N LEU A 221 23.47 18.50 -29.18
CA LEU A 221 23.18 19.91 -29.05
C LEU A 221 23.18 20.38 -27.60
N PHE A 222 23.47 19.45 -26.68
CA PHE A 222 23.53 19.80 -25.26
C PHE A 222 24.39 18.82 -24.45
N HIS A 223 24.63 19.15 -23.19
CA HIS A 223 25.58 18.39 -22.38
C HIS A 223 25.03 17.94 -21.02
N ARG A 224 24.03 18.65 -20.53
CA ARG A 224 23.40 18.34 -19.26
C ARG A 224 21.95 18.76 -19.30
N ALA A 225 21.12 18.19 -18.44
CA ALA A 225 19.68 18.48 -18.48
C ALA A 225 19.08 18.56 -17.10
N VAL A 226 18.09 19.43 -16.94
CA VAL A 226 17.33 19.56 -15.70
C VAL A 226 15.85 19.38 -16.03
N LEU A 227 15.19 18.47 -15.33
CA LEU A 227 13.76 18.26 -15.53
C LEU A 227 13.00 18.63 -14.28
N GLN A 228 12.28 19.74 -14.33
CA GLN A 228 11.49 20.21 -13.19
C GLN A 228 10.03 19.76 -13.30
N SER A 229 9.60 18.84 -12.43
CA SER A 229 8.20 18.42 -12.36
C SER A 229 7.61 17.98 -13.69
N GLY A 230 8.33 17.15 -14.43
CA GLY A 230 7.82 16.62 -15.67
C GLY A 230 8.82 15.63 -16.26
N THR A 231 8.35 14.76 -17.14
CA THR A 231 9.16 13.66 -17.64
C THR A 231 8.57 13.22 -18.97
N PRO A 232 9.39 12.59 -19.81
CA PRO A 232 8.87 12.21 -21.12
C PRO A 232 8.09 10.89 -21.04
N ASN A 233 8.41 10.07 -20.02
CA ASN A 233 7.58 8.91 -19.68
C ASN A 233 6.37 9.39 -18.88
N GLY A 234 5.46 8.48 -18.55
CA GLY A 234 4.26 8.89 -17.84
C GLY A 234 3.04 9.01 -18.73
N PRO A 235 1.90 9.37 -18.14
CA PRO A 235 0.63 9.12 -18.82
C PRO A 235 0.12 10.26 -19.71
N TRP A 236 0.74 11.43 -19.64
CA TRP A 236 0.22 12.60 -20.35
C TRP A 236 1.15 13.15 -21.42
N ALA A 237 2.42 12.78 -21.39
CA ALA A 237 3.43 13.44 -22.24
C ALA A 237 3.48 12.93 -23.69
N THR A 238 2.96 11.74 -23.96
CA THR A 238 2.94 11.21 -25.32
C THR A 238 1.63 10.51 -25.65
N VAL A 239 1.39 10.28 -26.94
CA VAL A 239 0.27 9.45 -27.39
C VAL A 239 0.79 8.53 -28.48
N SER A 240 0.18 7.37 -28.63
CA SER A 240 0.57 6.43 -29.67
C SER A 240 0.27 7.05 -31.04
N ALA A 241 0.78 6.45 -32.10
CA ALA A 241 0.43 6.90 -33.43
C ALA A 241 -1.08 6.82 -33.60
N GLY A 242 -1.64 5.67 -33.24
CA GLY A 242 -3.06 5.43 -33.39
C GLY A 242 -3.94 6.45 -32.71
N GLU A 243 -3.58 6.82 -31.48
CA GLU A 243 -4.38 7.78 -30.74
C GLU A 243 -4.25 9.18 -31.33
N ALA A 244 -3.05 9.53 -31.80
CA ALA A 244 -2.86 10.85 -32.40
C ALA A 244 -3.68 10.99 -33.68
N ARG A 245 -3.64 9.98 -34.54
CA ARG A 245 -4.47 9.97 -35.73
C ARG A 245 -5.95 10.11 -35.40
N ARG A 246 -6.37 9.46 -34.33
CA ARG A 246 -7.77 9.48 -33.93
C ARG A 246 -8.17 10.89 -33.51
N ARG A 247 -7.35 11.54 -32.69
CA ARG A 247 -7.61 12.90 -32.25
C ARG A 247 -7.57 13.90 -33.41
N ALA A 248 -6.66 13.67 -34.34
CA ALA A 248 -6.53 14.57 -35.49
C ALA A 248 -7.73 14.49 -36.41
N THR A 249 -8.24 13.29 -36.67
CA THR A 249 -9.38 13.19 -37.59
C THR A 249 -10.68 13.66 -36.92
N LEU A 250 -10.79 13.49 -35.61
CA LEU A 250 -11.94 14.05 -34.89
C LEU A 250 -11.96 15.58 -34.99
N LEU A 251 -10.84 16.22 -34.68
CA LEU A 251 -10.74 17.68 -34.78
C LEU A 251 -11.08 18.16 -36.20
N ALA A 252 -10.51 17.52 -37.20
CA ALA A 252 -10.85 17.80 -38.59
C ALA A 252 -12.35 17.74 -38.82
N ARG A 253 -12.98 16.65 -38.35
CA ARG A 253 -14.44 16.51 -38.47
C ARG A 253 -15.17 17.65 -37.75
N LEU A 254 -14.74 17.96 -36.53
CA LEU A 254 -15.30 19.08 -35.76
C LEU A 254 -15.26 20.44 -36.46
N VAL A 255 -14.25 20.68 -37.31
CA VAL A 255 -14.19 21.91 -38.10
C VAL A 255 -14.60 21.70 -39.55
N GLY A 256 -15.04 20.48 -39.87
CA GLY A 256 -15.60 20.18 -41.19
C GLY A 256 -14.62 19.72 -42.25
N CYS A 257 -13.81 18.70 -41.94
CA CYS A 257 -12.81 18.22 -42.87
C CYS A 257 -12.83 16.69 -42.96
N ASN A 265 -8.04 9.98 -47.44
CA ASN A 265 -6.76 10.54 -47.87
C ASN A 265 -6.27 11.65 -46.93
N ASP A 266 -5.01 11.55 -46.48
CA ASP A 266 -4.48 12.50 -45.50
C ASP A 266 -4.16 13.85 -46.11
N THR A 267 -3.72 13.85 -47.37
CA THR A 267 -3.40 15.09 -48.07
C THR A 267 -4.60 16.04 -48.10
N GLU A 268 -5.75 15.52 -48.54
CA GLU A 268 -6.96 16.33 -48.62
C GLU A 268 -7.38 16.86 -47.25
N LEU A 269 -7.30 16.00 -46.24
CA LEU A 269 -7.67 16.36 -44.89
C LEU A 269 -6.77 17.47 -44.34
N ILE A 270 -5.47 17.26 -44.43
CA ILE A 270 -4.52 18.25 -43.93
C ILE A 270 -4.65 19.56 -44.72
N ALA A 271 -4.82 19.45 -46.03
CA ALA A 271 -5.00 20.63 -46.86
C ALA A 271 -6.21 21.43 -46.38
N CYS A 272 -7.31 20.75 -46.08
CA CYS A 272 -8.50 21.44 -45.60
C CYS A 272 -8.26 22.11 -44.24
N LEU A 273 -7.59 21.41 -43.32
CA LEU A 273 -7.23 22.01 -42.03
C LEU A 273 -6.38 23.28 -42.22
N ARG A 274 -5.48 23.27 -43.21
CA ARG A 274 -4.62 24.42 -43.46
C ARG A 274 -5.44 25.64 -43.90
N THR A 275 -6.68 25.43 -44.34
CA THR A 275 -7.50 26.59 -44.71
C THR A 275 -8.32 27.15 -43.55
N ARG A 276 -8.23 26.53 -42.38
CA ARG A 276 -9.03 26.96 -41.23
C ARG A 276 -8.35 28.07 -40.44
N PRO A 277 -9.15 29.05 -40.01
CA PRO A 277 -8.65 30.11 -39.12
C PRO A 277 -8.03 29.46 -37.89
N ALA A 278 -6.91 30.01 -37.41
CA ALA A 278 -6.23 29.41 -36.27
C ALA A 278 -7.17 29.23 -35.09
N GLN A 279 -8.03 30.23 -34.89
CA GLN A 279 -8.90 30.25 -33.75
C GLN A 279 -9.93 29.13 -33.81
N ASP A 280 -10.36 28.77 -35.02
CA ASP A 280 -11.30 27.67 -35.18
C ASP A 280 -10.69 26.39 -34.62
N LEU A 281 -9.40 26.16 -34.87
CA LEU A 281 -8.74 24.97 -34.36
C LEU A 281 -8.65 25.01 -32.83
N VAL A 282 -8.24 26.15 -32.31
CA VAL A 282 -8.06 26.30 -30.87
C VAL A 282 -9.38 26.07 -30.14
N ASP A 283 -10.47 26.58 -30.71
CA ASP A 283 -11.79 26.46 -30.08
C ASP A 283 -12.21 25.00 -29.84
N HIS A 284 -11.65 24.04 -30.59
CA HIS A 284 -12.04 22.63 -30.42
C HIS A 284 -10.98 21.77 -29.75
N GLU A 285 -9.95 22.41 -29.24
CA GLU A 285 -8.83 21.73 -28.61
C GLU A 285 -9.24 20.63 -27.61
N TRP A 286 -10.09 20.99 -26.66
CA TRP A 286 -10.43 20.13 -25.53
C TRP A 286 -11.53 19.13 -25.85
N HIS A 287 -12.07 19.19 -27.06
CA HIS A 287 -13.21 18.36 -27.43
C HIS A 287 -12.83 16.99 -27.99
N VAL A 288 -11.54 16.67 -28.05
CA VAL A 288 -11.10 15.43 -28.66
C VAL A 288 -10.49 14.44 -27.66
N LEU A 289 -10.46 14.78 -26.37
CA LEU A 289 -9.91 13.86 -25.36
C LEU A 289 -10.88 12.71 -25.17
N PRO A 290 -10.35 11.49 -25.04
CA PRO A 290 -11.17 10.28 -25.02
C PRO A 290 -12.05 10.16 -23.78
N GLN A 291 -11.56 10.62 -22.62
CA GLN A 291 -12.39 10.61 -21.41
C GLN A 291 -12.33 11.97 -20.71
N GLU A 292 -13.36 12.23 -19.91
CA GLU A 292 -13.39 13.35 -18.99
C GLU A 292 -12.17 13.22 -18.09
N SER A 293 -11.33 14.23 -18.04
CA SER A 293 -10.04 14.08 -17.40
C SER A 293 -9.53 15.42 -16.86
N ILE A 294 -8.55 15.35 -15.98
CA ILE A 294 -7.56 16.43 -15.78
C ILE A 294 -6.13 15.91 -15.98
N PHE A 295 -5.18 16.83 -16.18
CA PHE A 295 -3.81 16.44 -16.53
C PHE A 295 -3.75 15.55 -17.76
N ARG A 296 -4.67 15.85 -18.68
CA ARG A 296 -4.67 15.34 -20.06
C ARG A 296 -4.65 16.51 -21.10
N PHE A 297 -3.77 16.40 -22.11
CA PHE A 297 -3.67 17.43 -23.21
C PHE A 297 -3.87 16.83 -24.62
N SER A 298 -4.71 17.48 -25.43
CA SER A 298 -5.17 16.87 -26.66
C SER A 298 -4.05 16.56 -27.64
N PHE A 299 -3.13 17.51 -27.82
CA PHE A 299 -2.08 17.39 -28.83
C PHE A 299 -0.68 17.55 -28.24
N VAL A 300 0.03 16.42 -28.20
CA VAL A 300 1.30 16.28 -27.50
C VAL A 300 2.21 15.44 -28.38
N PRO A 301 3.48 15.31 -28.00
CA PRO A 301 4.39 14.48 -28.81
C PRO A 301 3.82 13.08 -29.03
N VAL A 302 4.04 12.58 -30.24
CA VAL A 302 3.54 11.28 -30.64
C VAL A 302 4.71 10.32 -30.79
N VAL A 303 4.50 9.06 -30.45
CA VAL A 303 5.49 8.01 -30.71
C VAL A 303 5.47 7.67 -32.19
N ASP A 304 6.33 8.34 -32.95
CA ASP A 304 6.29 8.28 -34.42
C ASP A 304 7.23 7.24 -35.00
N GLY A 305 8.14 6.73 -34.17
CA GLY A 305 9.20 5.87 -34.67
C GLY A 305 10.23 6.67 -35.45
N ASP A 306 10.28 7.98 -35.17
CA ASP A 306 11.22 8.90 -35.83
C ASP A 306 11.93 9.79 -34.80
N PHE A 307 11.31 10.91 -34.43
CA PHE A 307 11.80 11.67 -33.29
C PHE A 307 11.89 10.77 -32.07
N LEU A 308 10.83 10.01 -31.80
CA LEU A 308 10.84 9.00 -30.76
C LEU A 308 10.82 7.61 -31.37
N SER A 309 11.98 6.94 -31.38
CA SER A 309 12.10 5.66 -32.06
C SER A 309 11.18 4.59 -31.46
N ASP A 310 10.74 4.84 -30.23
CA ASP A 310 9.87 3.94 -29.49
C ASP A 310 9.29 4.73 -28.33
N THR A 311 8.51 4.09 -27.47
CA THR A 311 7.91 4.80 -26.34
C THR A 311 9.03 5.22 -25.38
N PRO A 312 8.89 6.39 -24.74
CA PRO A 312 9.85 6.85 -23.73
C PRO A 312 10.11 5.79 -22.67
N GLU A 313 9.06 5.06 -22.26
CA GLU A 313 9.20 4.00 -21.27
C GLU A 313 10.21 2.96 -21.73
N ALA A 314 10.08 2.49 -22.98
CA ALA A 314 11.02 1.51 -23.52
C ALA A 314 12.42 2.10 -23.68
N LEU A 315 12.48 3.37 -24.08
CA LEU A 315 13.76 4.02 -24.31
C LEU A 315 14.54 4.24 -23.00
N ILE A 316 13.88 4.75 -21.96
CA ILE A 316 14.58 4.95 -20.71
C ILE A 316 14.98 3.61 -20.09
N ASN A 317 14.09 2.63 -20.19
CA ASN A 317 14.32 1.31 -19.62
C ASN A 317 15.57 0.64 -20.18
N THR A 318 15.93 0.99 -21.41
CA THR A 318 16.94 0.21 -22.13
C THR A 318 18.09 1.02 -22.73
N GLY A 319 18.06 2.34 -22.59
CA GLY A 319 19.09 3.18 -23.20
C GLY A 319 20.40 3.24 -22.41
N ASP A 320 21.45 3.69 -23.08
CA ASP A 320 22.74 3.93 -22.43
C ASP A 320 22.89 5.42 -22.15
N PHE A 321 23.01 5.77 -20.87
CA PHE A 321 23.16 7.16 -20.48
C PHE A 321 24.40 7.34 -19.63
N GLN A 322 25.42 6.55 -19.93
CA GLN A 322 26.69 6.56 -19.21
C GLN A 322 27.21 7.98 -19.00
N ASP A 323 27.27 8.76 -20.06
CA ASP A 323 27.82 10.10 -19.92
C ASP A 323 26.73 11.16 -20.00
N LEU A 324 25.76 11.04 -19.10
CA LEU A 324 24.69 12.02 -18.95
C LEU A 324 24.64 12.51 -17.51
N GLN A 325 24.37 13.80 -17.34
CA GLN A 325 24.25 14.40 -16.03
C GLN A 325 22.92 15.13 -15.95
N VAL A 326 22.09 14.74 -15.01
CA VAL A 326 20.74 15.28 -14.94
C VAL A 326 20.41 15.73 -13.54
N LEU A 327 19.58 16.76 -13.44
CA LEU A 327 19.02 17.19 -12.18
C LEU A 327 17.51 17.10 -12.38
N VAL A 328 16.81 16.43 -11.47
CA VAL A 328 15.38 16.22 -11.57
C VAL A 328 14.73 16.43 -10.22
N GLY A 329 13.49 16.88 -10.21
CA GLY A 329 12.82 17.10 -8.95
C GLY A 329 11.34 17.38 -9.12
N VAL A 330 10.66 17.57 -8.00
CA VAL A 330 9.23 17.79 -7.98
C VAL A 330 8.94 18.82 -6.91
N VAL A 331 7.78 19.46 -6.96
CA VAL A 331 7.34 20.33 -5.87
C VAL A 331 6.50 19.46 -4.89
N LYS A 332 6.19 19.98 -3.71
CA LYS A 332 5.54 19.19 -2.66
C LYS A 332 4.12 18.75 -3.01
N ASP A 333 3.41 19.58 -3.76
CA ASP A 333 2.00 19.31 -4.08
C ASP A 333 1.72 19.41 -5.58
N GLU A 334 2.25 18.45 -6.32
CA GLU A 334 2.10 18.45 -7.78
C GLU A 334 0.64 18.50 -8.25
N GLY A 335 -0.26 17.81 -7.53
CA GLY A 335 -1.61 17.62 -8.03
C GLY A 335 -2.64 18.69 -7.71
N SER A 336 -2.41 19.49 -6.67
CA SER A 336 -3.46 20.37 -6.17
C SER A 336 -4.01 21.31 -7.23
N TYR A 337 -3.13 21.90 -8.04
CA TYR A 337 -3.54 22.88 -9.05
C TYR A 337 -4.59 22.33 -10.02
N PHE A 338 -4.42 21.08 -10.42
CA PHE A 338 -5.22 20.53 -11.51
C PHE A 338 -6.66 20.22 -11.08
N LEU A 339 -6.89 20.05 -9.79
CA LEU A 339 -8.20 19.63 -9.30
C LEU A 339 -9.30 20.63 -9.61
N VAL A 340 -8.95 21.91 -9.66
CA VAL A 340 -9.95 22.95 -9.90
C VAL A 340 -10.27 23.08 -11.38
N TYR A 341 -9.56 22.35 -12.22
CA TYR A 341 -9.90 22.37 -13.64
C TYR A 341 -10.72 21.15 -14.09
N GLY A 342 -11.45 20.52 -13.16
CA GLY A 342 -12.26 19.39 -13.56
C GLY A 342 -12.86 18.47 -12.52
N VAL A 343 -12.33 18.46 -11.29
CA VAL A 343 -12.86 17.58 -10.27
C VAL A 343 -13.91 18.28 -9.40
N PRO A 344 -15.19 17.89 -9.56
CA PRO A 344 -16.29 18.51 -8.81
C PRO A 344 -15.98 18.57 -7.32
N GLY A 345 -16.33 19.68 -6.67
CA GLY A 345 -16.04 19.86 -5.27
C GLY A 345 -14.78 20.67 -4.98
N PHE A 346 -13.94 20.91 -5.99
CA PHE A 346 -12.72 21.70 -5.81
C PHE A 346 -12.81 23.13 -6.36
N SER A 347 -12.49 24.10 -5.49
CA SER A 347 -12.45 25.50 -5.88
C SER A 347 -11.24 26.21 -5.27
N LYS A 348 -10.97 27.42 -5.73
CA LYS A 348 -9.90 28.18 -5.14
C LYS A 348 -10.52 29.03 -4.03
N ASP A 349 -11.84 29.16 -4.09
CA ASP A 349 -12.58 30.05 -3.21
C ASP A 349 -13.04 29.43 -1.89
N ASN A 350 -12.97 28.11 -1.76
CA ASN A 350 -13.26 27.46 -0.49
C ASN A 350 -12.17 26.45 -0.13
N GLU A 351 -12.35 25.75 0.99
CA GLU A 351 -11.36 24.80 1.47
C GLU A 351 -11.42 23.45 0.73
N SER A 352 -12.41 23.31 -0.15
CA SER A 352 -12.53 22.12 -1.01
C SER A 352 -12.54 20.82 -0.21
N LEU A 353 -13.18 20.86 0.96
CA LEU A 353 -13.41 19.66 1.74
C LEU A 353 -14.45 18.82 1.02
N ILE A 354 -14.04 17.66 0.50
CA ILE A 354 -14.94 16.84 -0.30
C ILE A 354 -15.45 15.59 0.46
N SER A 355 -16.42 14.90 -0.14
CA SER A 355 -16.98 13.68 0.43
C SER A 355 -16.33 12.46 -0.21
N ARG A 356 -16.55 11.31 0.40
CA ARG A 356 -16.05 10.07 -0.15
C ARG A 356 -16.52 9.89 -1.58
N ALA A 357 -17.78 10.22 -1.83
CA ALA A 357 -18.35 10.07 -3.15
C ALA A 357 -17.60 10.94 -4.16
N GLN A 358 -17.30 12.17 -3.77
CA GLN A 358 -16.56 13.07 -4.64
C GLN A 358 -15.14 12.57 -4.88
N PHE A 359 -14.56 11.93 -3.87
CA PHE A 359 -13.25 11.34 -4.04
C PHE A 359 -13.29 10.23 -5.10
N LEU A 360 -14.27 9.35 -5.01
CA LEU A 360 -14.39 8.25 -5.96
C LEU A 360 -14.63 8.73 -7.39
N ALA A 361 -15.52 9.71 -7.55
CA ALA A 361 -15.73 10.33 -8.85
C ALA A 361 -14.45 11.04 -9.31
N GLY A 362 -13.75 11.67 -8.38
CA GLY A 362 -12.54 12.41 -8.68
C GLY A 362 -11.44 11.51 -9.20
N VAL A 363 -11.34 10.32 -8.64
CA VAL A 363 -10.31 9.38 -9.04
C VAL A 363 -10.49 8.94 -10.49
N ARG A 364 -11.74 8.78 -10.93
CA ARG A 364 -11.99 8.38 -12.31
C ARG A 364 -11.56 9.48 -13.27
N ILE A 365 -11.67 10.72 -12.81
CA ILE A 365 -11.33 11.86 -13.65
C ILE A 365 -9.82 12.07 -13.66
N GLY A 366 -9.20 11.95 -12.50
CA GLY A 366 -7.76 12.09 -12.35
C GLY A 366 -6.94 10.89 -12.81
N VAL A 367 -7.59 9.74 -13.01
CA VAL A 367 -6.91 8.57 -13.55
C VAL A 367 -7.77 8.01 -14.65
N PRO A 368 -7.99 8.82 -15.69
CA PRO A 368 -9.02 8.62 -16.70
C PRO A 368 -8.81 7.38 -17.56
N GLN A 369 -7.60 6.86 -17.61
CA GLN A 369 -7.35 5.65 -18.40
C GLN A 369 -7.53 4.34 -17.60
N ALA A 370 -7.87 4.44 -16.31
CA ALA A 370 -7.98 3.25 -15.46
C ALA A 370 -9.30 2.54 -15.57
N SER A 371 -9.23 1.22 -15.67
CA SER A 371 -10.40 0.36 -15.55
C SER A 371 -11.06 0.53 -14.18
N ASP A 372 -12.17 -0.15 -13.98
CA ASP A 372 -12.88 -0.08 -12.71
C ASP A 372 -12.02 -0.64 -11.58
N LEU A 373 -11.34 -1.75 -11.87
CA LEU A 373 -10.54 -2.45 -10.87
C LEU A 373 -9.32 -1.61 -10.50
N ALA A 374 -8.62 -1.12 -11.53
CA ALA A 374 -7.49 -0.22 -11.32
C ALA A 374 -7.90 0.98 -10.47
N ALA A 375 -9.05 1.56 -10.78
CA ALA A 375 -9.55 2.70 -10.02
C ALA A 375 -9.73 2.26 -8.58
N GLU A 376 -10.35 1.09 -8.40
CA GLU A 376 -10.54 0.53 -7.08
C GLU A 376 -9.21 0.39 -6.35
N ALA A 377 -8.22 -0.20 -7.01
CA ALA A 377 -6.89 -0.25 -6.44
C ALA A 377 -6.40 1.12 -5.95
N VAL A 378 -6.60 2.16 -6.76
CA VAL A 378 -6.14 3.51 -6.40
C VAL A 378 -6.84 4.01 -5.16
N VAL A 379 -8.16 3.91 -5.17
CA VAL A 379 -8.98 4.32 -4.03
C VAL A 379 -8.66 3.56 -2.74
N LEU A 380 -8.28 2.30 -2.87
CA LEU A 380 -7.93 1.49 -1.71
C LEU A 380 -6.59 1.96 -1.13
N HIS A 381 -5.63 2.18 -2.01
CA HIS A 381 -4.30 2.61 -1.61
C HIS A 381 -4.30 3.98 -0.91
N TYR A 382 -5.05 4.91 -1.46
CA TYR A 382 -5.01 6.29 -0.98
C TYR A 382 -6.01 6.58 0.13
N THR A 383 -6.98 5.68 0.33
CA THR A 383 -7.94 5.88 1.40
C THR A 383 -7.22 5.74 2.73
N ASP A 384 -7.57 6.61 3.68
CA ASP A 384 -7.10 6.43 5.04
C ASP A 384 -8.14 5.64 5.86
N TRP A 385 -7.84 4.38 6.17
CA TRP A 385 -8.88 3.50 6.74
C TRP A 385 -9.20 3.72 8.20
N LEU A 386 -8.47 4.62 8.85
CA LEU A 386 -8.83 5.07 10.19
C LEU A 386 -9.80 6.25 10.10
N HIS A 387 -9.78 6.93 8.96
CA HIS A 387 -10.65 8.09 8.76
C HIS A 387 -11.12 8.16 7.31
N PRO A 388 -11.81 7.11 6.84
CA PRO A 388 -12.13 6.91 5.42
C PRO A 388 -13.14 7.93 4.88
N GLU A 389 -13.80 8.67 5.75
CA GLU A 389 -14.81 9.64 5.33
C GLU A 389 -14.37 11.07 5.61
N ASP A 390 -13.20 11.24 6.21
CA ASP A 390 -12.73 12.57 6.59
C ASP A 390 -12.40 13.43 5.38
N PRO A 391 -13.15 14.52 5.19
CA PRO A 391 -13.05 15.44 4.04
C PRO A 391 -11.66 16.06 3.86
N THR A 392 -11.01 16.48 4.94
CA THR A 392 -9.67 17.01 4.82
C THR A 392 -8.75 15.95 4.24
N HIS A 393 -8.81 14.73 4.77
CA HIS A 393 -7.98 13.66 4.22
C HIS A 393 -8.27 13.34 2.76
N LEU A 394 -9.55 13.29 2.40
CA LEU A 394 -9.97 12.96 1.04
C LEU A 394 -9.55 14.04 0.05
N ARG A 395 -9.66 15.29 0.46
CA ARG A 395 -9.20 16.40 -0.37
C ARG A 395 -7.72 16.19 -0.68
N ASP A 396 -6.90 16.05 0.36
CA ASP A 396 -5.45 15.86 0.19
C ASP A 396 -5.10 14.59 -0.58
N ALA A 397 -5.91 13.55 -0.45
CA ALA A 397 -5.62 12.29 -1.12
C ALA A 397 -5.87 12.41 -2.61
N MET A 398 -6.93 13.13 -2.96
CA MET A 398 -7.26 13.41 -4.34
C MET A 398 -6.09 14.17 -5.00
N SER A 399 -5.56 15.17 -4.30
CA SER A 399 -4.44 15.94 -4.81
C SER A 399 -3.24 15.01 -5.00
N ALA A 400 -3.04 14.12 -4.03
CA ALA A 400 -1.89 13.22 -4.08
C ALA A 400 -2.02 12.14 -5.16
N VAL A 401 -3.26 11.75 -5.47
CA VAL A 401 -3.49 10.77 -6.55
C VAL A 401 -3.03 11.37 -7.87
N VAL A 402 -3.52 12.57 -8.17
CA VAL A 402 -3.16 13.28 -9.40
C VAL A 402 -1.67 13.61 -9.51
N GLY A 403 -1.08 14.04 -8.40
CA GLY A 403 0.32 14.42 -8.38
C GLY A 403 1.26 13.24 -8.56
N ASP A 404 0.98 12.16 -7.82
CA ASP A 404 1.76 10.94 -7.89
C ASP A 404 1.69 10.25 -9.23
N HIS A 405 0.49 10.15 -9.80
CA HIS A 405 0.26 9.47 -11.07
C HIS A 405 0.95 10.24 -12.23
N ASN A 406 0.82 11.56 -12.21
CA ASN A 406 1.31 12.37 -13.33
C ASN A 406 2.76 12.83 -13.27
N VAL A 407 3.24 13.11 -12.06
CA VAL A 407 4.56 13.72 -11.92
C VAL A 407 5.50 12.93 -11.02
N VAL A 408 5.14 12.78 -9.74
CA VAL A 408 6.09 12.26 -8.77
C VAL A 408 6.61 10.86 -9.09
N CYS A 409 5.74 9.98 -9.58
CA CYS A 409 6.15 8.60 -9.85
C CYS A 409 6.81 8.42 -11.21
N PRO A 410 6.32 9.12 -12.24
CA PRO A 410 7.09 9.18 -13.48
C PRO A 410 8.50 9.77 -13.23
N VAL A 411 8.61 10.77 -12.38
CA VAL A 411 9.93 11.29 -12.02
C VAL A 411 10.76 10.21 -11.30
N ALA A 412 10.16 9.57 -10.30
CA ALA A 412 10.85 8.50 -9.59
C ALA A 412 11.29 7.39 -10.54
N GLN A 413 10.40 6.99 -11.44
CA GLN A 413 10.73 6.02 -12.46
C GLN A 413 11.91 6.50 -13.35
N LEU A 414 11.85 7.75 -13.82
CA LEU A 414 12.92 8.32 -14.66
C LEU A 414 14.27 8.28 -13.93
N ALA A 415 14.31 8.82 -12.71
CA ALA A 415 15.55 8.83 -11.93
C ALA A 415 16.12 7.44 -11.70
N GLY A 416 15.26 6.49 -11.41
CA GLY A 416 15.72 5.13 -11.14
C GLY A 416 16.33 4.45 -12.35
N ARG A 417 15.68 4.59 -13.50
CA ARG A 417 16.22 4.01 -14.73
C ARG A 417 17.51 4.71 -15.17
N LEU A 418 17.54 6.03 -15.07
CA LEU A 418 18.72 6.78 -15.50
C LEU A 418 19.92 6.42 -14.63
N ALA A 419 19.73 6.42 -13.32
CA ALA A 419 20.79 6.04 -12.40
C ALA A 419 21.30 4.62 -12.66
N ALA A 420 20.39 3.67 -12.81
CA ALA A 420 20.78 2.29 -13.02
C ALA A 420 21.49 2.13 -14.35
N GLN A 421 21.22 3.03 -15.29
CA GLN A 421 21.80 2.95 -16.62
C GLN A 421 22.99 3.88 -16.84
N GLY A 422 23.65 4.26 -15.75
CA GLY A 422 24.91 4.98 -15.84
C GLY A 422 24.92 6.50 -15.79
N ALA A 423 23.76 7.13 -15.70
CA ALA A 423 23.69 8.59 -15.62
C ALA A 423 24.05 9.07 -14.23
N ARG A 424 24.52 10.31 -14.13
CA ARG A 424 24.66 10.96 -12.84
C ARG A 424 23.40 11.77 -12.60
N VAL A 425 22.72 11.51 -11.49
CA VAL A 425 21.40 12.08 -11.23
C VAL A 425 21.38 12.78 -9.89
N TYR A 426 20.74 13.94 -9.83
CA TYR A 426 20.54 14.67 -8.58
C TYR A 426 19.06 14.94 -8.48
N ALA A 427 18.48 14.63 -7.33
CA ALA A 427 17.04 14.74 -7.18
C ALA A 427 16.69 15.66 -6.03
N TYR A 428 15.55 16.36 -6.14
CA TYR A 428 15.10 17.24 -5.06
C TYR A 428 13.58 17.20 -4.88
N ILE A 429 13.13 17.65 -3.71
CA ILE A 429 11.74 18.06 -3.57
C ILE A 429 11.69 19.50 -3.10
N PHE A 430 10.94 20.33 -3.81
CA PHE A 430 10.84 21.75 -3.49
C PHE A 430 9.63 22.00 -2.58
N GLU A 431 9.90 22.42 -1.35
CA GLU A 431 8.85 22.46 -0.32
C GLU A 431 8.44 23.84 0.18
N HIS A 432 8.97 24.90 -0.40
CA HIS A 432 8.65 26.23 0.10
C HIS A 432 7.50 26.87 -0.67
N ARG A 433 6.50 27.36 0.05
CA ARG A 433 5.40 28.09 -0.59
C ARG A 433 5.65 29.60 -0.57
N ALA A 434 5.70 30.19 -1.76
CA ALA A 434 5.90 31.62 -1.93
C ALA A 434 5.01 32.43 -1.01
N SER A 435 5.59 33.39 -0.28
CA SER A 435 4.81 34.24 0.60
C SER A 435 3.78 35.05 -0.16
N THR A 436 3.97 35.17 -1.48
CA THR A 436 3.12 35.98 -2.36
C THR A 436 2.09 35.18 -3.16
N LEU A 437 2.06 33.87 -2.96
CA LEU A 437 1.15 33.00 -3.71
C LEU A 437 -0.28 33.46 -3.51
N THR A 438 -1.07 33.51 -4.57
CA THR A 438 -2.47 33.96 -4.45
C THR A 438 -3.44 32.77 -4.39
N TRP A 439 -2.96 31.57 -4.73
CA TRP A 439 -3.78 30.39 -4.59
C TRP A 439 -3.99 30.06 -3.10
N PRO A 440 -5.08 29.37 -2.79
CA PRO A 440 -5.43 29.09 -1.39
C PRO A 440 -4.39 28.19 -0.70
N LEU A 441 -4.40 28.18 0.63
CA LEU A 441 -3.46 27.37 1.39
C LEU A 441 -3.59 25.89 1.13
N TRP A 442 -4.81 25.40 0.93
CA TRP A 442 -5.00 23.95 0.80
C TRP A 442 -4.16 23.40 -0.35
N MET A 443 -3.83 24.23 -1.33
CA MET A 443 -3.03 23.77 -2.47
C MET A 443 -1.56 23.59 -2.15
N GLY A 444 -1.12 24.01 -0.96
CA GLY A 444 0.26 23.81 -0.56
C GLY A 444 1.24 24.48 -1.52
N VAL A 445 2.23 23.73 -1.97
CA VAL A 445 3.21 24.23 -2.93
C VAL A 445 2.86 23.65 -4.29
N PRO A 446 2.11 24.41 -5.10
CA PRO A 446 1.51 23.86 -6.32
C PRO A 446 2.51 23.74 -7.47
N HIS A 447 2.10 22.99 -8.48
CA HIS A 447 2.87 22.78 -9.68
C HIS A 447 3.21 24.13 -10.35
N GLY A 448 4.50 24.38 -10.56
CA GLY A 448 4.94 25.57 -11.27
C GLY A 448 5.46 26.68 -10.38
N TYR A 449 5.31 26.53 -9.07
CA TYR A 449 5.68 27.61 -8.15
C TYR A 449 7.08 27.53 -7.55
N GLU A 450 7.93 26.67 -8.11
CA GLU A 450 9.35 26.78 -7.83
C GLU A 450 10.03 27.68 -8.86
N ILE A 451 9.43 27.80 -10.05
CA ILE A 451 10.09 28.50 -11.17
C ILE A 451 10.53 29.92 -10.84
N GLU A 452 9.69 30.69 -10.17
CA GLU A 452 10.02 32.06 -9.80
C GLU A 452 11.26 32.16 -8.90
N PHE A 453 11.54 31.09 -8.15
CA PHE A 453 12.73 31.06 -7.30
C PHE A 453 14.01 30.68 -8.06
N ILE A 454 13.89 29.75 -9.00
CA ILE A 454 15.01 29.35 -9.83
C ILE A 454 15.51 30.53 -10.69
N PHE A 455 14.57 31.33 -11.21
CA PHE A 455 14.93 32.49 -12.03
C PHE A 455 15.28 33.72 -11.18
N GLY A 456 15.10 33.59 -9.87
CA GLY A 456 15.48 34.61 -8.92
C GLY A 456 14.63 35.89 -8.92
N LEU A 457 13.34 35.75 -9.16
CA LEU A 457 12.45 36.91 -9.05
C LEU A 457 12.46 37.58 -7.68
N PRO A 458 12.62 36.80 -6.60
CA PRO A 458 12.59 37.45 -5.28
C PRO A 458 13.69 38.51 -5.10
N LEU A 459 14.70 38.54 -5.99
CA LEU A 459 15.78 39.54 -5.91
C LEU A 459 15.30 40.93 -6.28
N ASP A 460 14.17 40.99 -6.95
CA ASP A 460 13.53 42.26 -7.31
C ASP A 460 12.70 42.74 -6.14
N PRO A 461 13.16 43.79 -5.45
CA PRO A 461 12.53 44.29 -4.23
C PRO A 461 11.07 44.66 -4.42
N SER A 462 10.72 45.15 -5.60
CA SER A 462 9.35 45.56 -5.87
C SER A 462 8.32 44.40 -5.88
N LEU A 463 8.79 43.16 -5.81
CA LEU A 463 7.89 42.03 -5.86
C LEU A 463 7.36 41.60 -4.49
N ASN A 464 7.94 42.16 -3.44
CA ASN A 464 7.43 41.95 -2.09
C ASN A 464 7.68 40.55 -1.48
N TYR A 465 8.73 39.86 -1.92
CA TYR A 465 9.17 38.63 -1.26
C TYR A 465 9.87 38.98 0.05
N THR A 466 10.08 37.99 0.92
CA THR A 466 10.81 38.22 2.16
C THR A 466 12.33 38.16 1.95
N THR A 467 13.08 38.68 2.91
CA THR A 467 14.53 38.60 2.88
C THR A 467 15.02 37.14 2.80
N GLU A 468 14.37 36.27 3.56
CA GLU A 468 14.71 34.85 3.56
C GLU A 468 14.48 34.25 2.20
N GLU A 469 13.40 34.69 1.55
CA GLU A 469 13.08 34.24 0.20
C GLU A 469 14.13 34.71 -0.81
N ARG A 470 14.69 35.89 -0.57
CA ARG A 470 15.72 36.42 -1.44
C ARG A 470 16.97 35.56 -1.31
N ILE A 471 17.38 35.31 -0.07
CA ILE A 471 18.54 34.45 0.20
C ILE A 471 18.34 33.05 -0.35
N PHE A 472 17.13 32.53 -0.20
CA PHE A 472 16.76 31.20 -0.65
C PHE A 472 16.89 31.12 -2.16
N ALA A 473 16.32 32.13 -2.83
CA ALA A 473 16.39 32.20 -4.29
C ALA A 473 17.83 32.20 -4.79
N GLN A 474 18.70 32.94 -4.10
CA GLN A 474 20.11 32.99 -4.46
C GLN A 474 20.76 31.61 -4.35
N ARG A 475 20.44 30.88 -3.28
CA ARG A 475 20.91 29.50 -3.15
C ARG A 475 20.53 28.66 -4.36
N LEU A 476 19.28 28.76 -4.79
CA LEU A 476 18.77 27.94 -5.88
C LEU A 476 19.44 28.26 -7.20
N MET A 477 19.62 29.55 -7.46
CA MET A 477 20.36 30.00 -8.65
C MET A 477 21.77 29.42 -8.64
N LYS A 478 22.39 29.40 -7.46
CA LYS A 478 23.71 28.80 -7.30
C LYS A 478 23.72 27.31 -7.65
N TYR A 479 22.71 26.57 -7.21
CA TYR A 479 22.63 25.13 -7.46
C TYR A 479 22.51 24.84 -8.95
N TRP A 480 21.56 25.53 -9.58
CA TRP A 480 21.30 25.35 -11.00
C TRP A 480 22.51 25.72 -11.87
N THR A 481 23.09 26.90 -11.62
CA THR A 481 24.24 27.35 -12.39
C THR A 481 25.48 26.52 -12.08
N ASN A 482 25.65 26.11 -10.82
CA ASN A 482 26.75 25.22 -10.48
C ASN A 482 26.62 23.92 -11.26
N PHE A 483 25.40 23.38 -11.33
CA PHE A 483 25.14 22.18 -12.10
C PHE A 483 25.40 22.35 -13.60
N ALA A 484 24.83 23.41 -14.18
CA ALA A 484 25.13 23.81 -15.56
C ALA A 484 26.63 23.89 -15.82
N ARG A 485 27.37 24.47 -14.88
CA ARG A 485 28.81 24.67 -15.05
C ARG A 485 29.59 23.36 -14.98
N THR A 486 29.25 22.51 -14.02
CA THR A 486 30.12 21.37 -13.69
C THR A 486 29.42 20.00 -13.77
N GLY A 487 28.10 20.01 -13.82
CA GLY A 487 27.36 18.76 -13.73
C GLY A 487 27.27 18.31 -12.28
N ASP A 488 27.43 19.27 -11.38
CA ASP A 488 27.34 19.02 -9.95
C ASP A 488 26.81 20.30 -9.29
N PRO A 489 25.63 20.22 -8.65
CA PRO A 489 25.03 21.43 -8.10
C PRO A 489 25.77 21.94 -6.85
N ASN A 490 26.70 21.15 -6.33
CA ASN A 490 27.44 21.56 -5.12
C ASN A 490 28.52 22.59 -5.43
N ASP A 491 28.81 23.47 -4.47
CA ASP A 491 29.88 24.45 -4.64
C ASP A 491 31.17 23.87 -4.11
N PRO A 492 32.17 23.69 -4.99
CA PRO A 492 33.48 23.12 -4.59
C PRO A 492 34.21 24.01 -3.60
N ARG A 493 33.84 25.28 -3.54
CA ARG A 493 34.49 26.25 -2.66
C ARG A 493 33.76 26.42 -1.34
N ASP A 494 32.87 25.47 -1.03
CA ASP A 494 32.05 25.56 0.18
C ASP A 494 31.73 24.19 0.76
N SER A 495 32.67 23.63 1.51
CA SER A 495 32.49 22.30 2.11
C SER A 495 31.62 22.34 3.36
N LYS A 496 31.63 23.48 4.05
CA LYS A 496 30.85 23.66 5.28
C LYS A 496 29.36 23.30 5.13
N SER A 497 28.71 23.86 4.11
CA SER A 497 27.32 23.54 3.81
C SER A 497 27.14 22.06 3.59
N PRO A 498 25.94 21.54 3.86
CA PRO A 498 25.63 20.13 3.63
C PRO A 498 25.75 19.83 2.13
N GLN A 499 26.13 18.60 1.79
CA GLN A 499 26.32 18.20 0.40
C GLN A 499 25.05 17.63 -0.22
N TRP A 500 24.92 17.79 -1.53
CA TRP A 500 23.83 17.20 -2.29
C TRP A 500 24.38 15.94 -2.96
N PRO A 501 24.06 14.76 -2.38
CA PRO A 501 24.61 13.51 -2.92
C PRO A 501 23.81 13.13 -4.16
N PRO A 502 24.42 12.39 -5.09
CA PRO A 502 23.70 11.86 -6.26
C PRO A 502 22.59 10.86 -5.85
N TYR A 503 21.54 10.77 -6.65
CA TYR A 503 20.53 9.73 -6.48
C TYR A 503 21.04 8.41 -7.04
N THR A 504 21.00 7.35 -6.24
CA THR A 504 21.37 6.02 -6.71
C THR A 504 20.29 5.00 -6.39
N THR A 505 20.27 3.92 -7.14
CA THR A 505 19.30 2.85 -6.93
C THR A 505 19.47 2.26 -5.54
N ALA A 506 20.69 2.20 -5.05
CA ALA A 506 21.01 1.56 -3.78
C ALA A 506 20.65 2.41 -2.56
N ALA A 507 20.69 3.72 -2.70
CA ALA A 507 20.46 4.60 -1.55
C ALA A 507 19.28 5.55 -1.75
N GLN A 508 18.94 5.82 -3.01
CA GLN A 508 17.77 6.65 -3.33
C GLN A 508 17.73 7.98 -2.59
N GLN A 509 18.86 8.68 -2.58
CA GLN A 509 18.95 9.96 -1.88
C GLN A 509 18.50 11.16 -2.73
N TYR A 510 17.81 12.09 -2.09
CA TYR A 510 17.43 13.35 -2.69
C TYR A 510 17.49 14.40 -1.59
N VAL A 511 17.23 15.66 -1.91
CA VAL A 511 17.32 16.71 -0.89
C VAL A 511 16.03 17.52 -0.83
N SER A 512 15.76 18.10 0.33
CA SER A 512 14.66 19.05 0.45
C SER A 512 15.18 20.44 0.12
N LEU A 513 14.47 21.14 -0.77
CA LEU A 513 14.76 22.54 -1.03
C LEU A 513 13.70 23.41 -0.34
N ASN A 514 14.09 24.06 0.76
CA ASN A 514 13.24 25.03 1.44
C ASN A 514 14.09 26.09 2.16
N LEU A 515 13.49 26.83 3.08
CA LEU A 515 14.18 27.92 3.76
C LEU A 515 15.33 27.45 4.66
N LYS A 516 15.27 26.20 5.10
CA LYS A 516 16.27 25.61 5.98
C LYS A 516 17.39 24.99 5.14
N PRO A 517 18.55 24.74 5.75
CA PRO A 517 19.67 24.13 5.02
C PRO A 517 19.30 22.78 4.40
N LEU A 518 20.02 22.39 3.36
CA LEU A 518 19.80 21.12 2.67
C LEU A 518 19.66 19.93 3.63
N GLU A 519 18.61 19.15 3.43
CA GLU A 519 18.40 17.94 4.23
C GLU A 519 18.29 16.74 3.30
N VAL A 520 19.12 15.73 3.51
CA VAL A 520 19.12 14.53 2.67
C VAL A 520 18.07 13.52 3.11
N ARG A 521 17.25 13.06 2.16
CA ARG A 521 16.17 12.11 2.42
C ARG A 521 16.31 10.88 1.53
N ARG A 522 15.73 9.76 1.95
CA ARG A 522 15.80 8.52 1.17
C ARG A 522 14.44 8.09 0.62
N GLY A 523 14.44 7.63 -0.63
CA GLY A 523 13.25 7.04 -1.23
C GLY A 523 12.27 8.04 -1.79
N LEU A 524 12.18 8.10 -3.12
CA LEU A 524 11.27 9.04 -3.74
C LEU A 524 9.85 8.43 -3.73
N ARG A 525 9.07 8.74 -2.70
CA ARG A 525 7.77 8.09 -2.49
C ARG A 525 7.81 6.62 -2.85
N ALA A 526 8.79 5.91 -2.28
CA ALA A 526 9.11 4.58 -2.76
C ALA A 526 7.92 3.63 -2.71
N GLN A 527 7.22 3.57 -1.56
CA GLN A 527 6.16 2.58 -1.40
C GLN A 527 4.99 2.82 -2.35
N THR A 528 4.49 4.05 -2.41
CA THR A 528 3.39 4.37 -3.32
C THR A 528 3.78 4.21 -4.79
N CYS A 529 4.97 4.69 -5.15
CA CYS A 529 5.38 4.64 -6.56
C CYS A 529 5.57 3.20 -7.08
N ALA A 530 5.88 2.28 -6.17
CA ALA A 530 5.91 0.86 -6.51
C ALA A 530 4.54 0.42 -7.00
N PHE A 531 3.50 0.90 -6.33
CA PHE A 531 2.14 0.64 -6.76
C PHE A 531 1.93 1.13 -8.19
N TRP A 532 2.04 2.44 -8.39
CA TRP A 532 1.94 3.03 -9.74
C TRP A 532 2.87 2.39 -10.78
N ASN A 533 4.11 2.15 -10.39
CA ASN A 533 5.15 1.81 -11.37
C ASN A 533 5.35 0.33 -11.62
N ARG A 534 5.07 -0.49 -10.61
CA ARG A 534 5.28 -1.93 -10.73
C ARG A 534 3.97 -2.71 -10.76
N PHE A 535 3.03 -2.34 -9.90
CA PHE A 535 1.78 -3.09 -9.85
C PHE A 535 0.81 -2.72 -10.97
N LEU A 536 0.45 -1.44 -11.05
CA LEU A 536 -0.60 -1.01 -11.97
C LEU A 536 -0.46 -1.51 -13.41
N PRO A 537 0.77 -1.44 -13.97
CA PRO A 537 1.01 -1.99 -15.31
C PRO A 537 0.70 -3.48 -15.38
N LYS A 538 1.09 -4.24 -14.36
CA LYS A 538 0.84 -5.68 -14.31
C LYS A 538 -0.68 -5.96 -14.29
N LEU A 539 -1.40 -5.11 -13.58
CA LEU A 539 -2.87 -5.21 -13.51
C LEU A 539 -3.46 -4.97 -14.91
N LEU A 540 -3.02 -3.89 -15.55
CA LEU A 540 -3.42 -3.55 -16.91
C LEU A 540 -3.15 -4.65 -17.93
N SER A 541 -2.08 -5.42 -17.71
CA SER A 541 -1.85 -6.65 -18.47
C SER A 541 -2.69 -7.79 -17.88
N ALA A 542 -3.98 -7.53 -17.69
CA ALA A 542 -4.92 -8.49 -17.13
C ALA A 542 -6.31 -7.89 -16.96
N GLU B 4 -13.48 -40.02 53.69
CA GLU B 4 -13.32 -39.68 52.27
C GLU B 4 -13.81 -38.26 51.97
N ASP B 5 -12.97 -37.44 51.33
CA ASP B 5 -13.25 -36.01 51.10
C ASP B 5 -14.55 -35.75 50.34
N PRO B 6 -15.55 -35.17 51.01
CA PRO B 6 -16.86 -34.92 50.39
C PRO B 6 -16.80 -33.80 49.35
N GLN B 7 -15.75 -32.99 49.40
CA GLN B 7 -15.55 -31.95 48.42
C GLN B 7 -15.16 -32.56 47.09
N LEU B 8 -14.69 -33.79 47.12
CA LEU B 8 -14.22 -34.46 45.91
C LEU B 8 -15.29 -35.40 45.39
N LEU B 9 -16.44 -35.40 46.05
CA LEU B 9 -17.55 -36.25 45.63
C LEU B 9 -18.67 -35.43 45.04
N VAL B 10 -19.00 -35.72 43.79
CA VAL B 10 -20.04 -34.97 43.10
C VAL B 10 -20.99 -35.90 42.33
N ARG B 11 -22.26 -35.54 42.32
CA ARG B 11 -23.24 -36.25 41.51
C ARG B 11 -23.77 -35.41 40.34
N VAL B 12 -23.59 -35.93 39.14
CA VAL B 12 -24.13 -35.35 37.93
C VAL B 12 -25.24 -36.27 37.41
N ARG B 13 -25.95 -35.84 36.38
CA ARG B 13 -27.09 -36.58 35.81
C ARG B 13 -26.81 -38.05 35.50
N GLY B 14 -25.55 -38.39 35.28
CA GLY B 14 -25.22 -39.71 34.82
C GLY B 14 -24.66 -40.59 35.90
N GLY B 15 -24.42 -40.02 37.08
CA GLY B 15 -23.92 -40.77 38.20
C GLY B 15 -22.95 -40.00 39.09
N GLN B 16 -22.24 -40.72 39.94
CA GLN B 16 -21.29 -40.11 40.87
C GLN B 16 -19.87 -40.02 40.33
N LEU B 17 -19.16 -38.96 40.74
CA LEU B 17 -17.79 -38.76 40.35
C LEU B 17 -16.93 -38.58 41.59
N ARG B 18 -15.72 -39.10 41.52
CA ARG B 18 -14.69 -38.79 42.52
C ARG B 18 -13.62 -37.95 41.85
N GLY B 19 -13.40 -36.75 42.37
CA GLY B 19 -12.36 -35.87 41.86
C GLY B 19 -11.14 -35.93 42.75
N ILE B 20 -10.12 -35.14 42.43
CA ILE B 20 -8.88 -35.15 43.20
C ILE B 20 -8.53 -33.75 43.67
N ARG B 21 -7.93 -33.63 44.85
CA ARG B 21 -7.50 -32.34 45.35
C ARG B 21 -6.09 -32.03 44.86
N LEU B 22 -5.97 -30.95 44.10
CA LEU B 22 -4.69 -30.57 43.52
C LEU B 22 -4.15 -29.33 44.20
N LYS B 23 -2.83 -29.20 44.21
CA LYS B 23 -2.19 -28.05 44.81
C LYS B 23 -1.92 -26.96 43.75
N ALA B 24 -2.44 -25.76 44.00
CA ALA B 24 -2.00 -24.57 43.29
C ALA B 24 -1.11 -23.80 44.26
N PRO B 25 -0.29 -22.87 43.74
CA PRO B 25 0.70 -22.23 44.62
C PRO B 25 0.04 -21.51 45.80
N GLY B 26 -1.19 -21.06 45.62
CA GLY B 26 -1.87 -20.30 46.65
C GLY B 26 -2.81 -21.10 47.53
N GLY B 27 -3.04 -22.36 47.15
CA GLY B 27 -3.95 -23.22 47.90
C GLY B 27 -4.41 -24.39 47.08
N PRO B 28 -5.33 -25.20 47.64
CA PRO B 28 -5.81 -26.35 46.88
C PRO B 28 -6.94 -25.97 45.94
N VAL B 29 -7.17 -26.81 44.94
CA VAL B 29 -8.36 -26.72 44.10
C VAL B 29 -8.93 -28.13 43.92
N SER B 30 -10.21 -28.22 43.57
CA SER B 30 -10.82 -29.50 43.27
C SER B 30 -10.81 -29.72 41.76
N ALA B 31 -10.15 -30.79 41.30
CA ALA B 31 -10.18 -31.12 39.89
C ALA B 31 -10.94 -32.43 39.64
N PHE B 32 -11.75 -32.43 38.58
CA PHE B 32 -12.44 -33.63 38.13
C PHE B 32 -12.08 -33.87 36.67
N LEU B 33 -11.15 -34.79 36.44
CA LEU B 33 -10.59 -34.99 35.11
C LEU B 33 -11.08 -36.30 34.50
N GLY B 34 -11.33 -36.29 33.20
CA GLY B 34 -11.71 -37.51 32.50
C GLY B 34 -13.18 -37.89 32.61
N ILE B 35 -14.06 -36.91 32.78
CA ILE B 35 -15.49 -37.16 32.82
C ILE B 35 -16.01 -37.44 31.42
N PRO B 36 -16.65 -38.61 31.22
CA PRO B 36 -17.23 -38.96 29.93
C PRO B 36 -18.44 -38.10 29.62
N PHE B 37 -18.51 -37.49 28.43
CA PHE B 37 -19.69 -36.71 28.09
C PHE B 37 -20.42 -37.28 26.87
N ALA B 38 -19.81 -38.28 26.26
CA ALA B 38 -20.43 -38.98 25.15
C ALA B 38 -20.04 -40.45 25.10
N GLU B 39 -20.87 -41.23 24.42
CA GLU B 39 -20.52 -42.60 24.08
C GLU B 39 -19.29 -42.57 23.20
N PRO B 40 -18.30 -43.42 23.52
CA PRO B 40 -17.08 -43.61 22.72
C PRO B 40 -17.40 -43.74 21.22
N PRO B 41 -16.99 -42.75 20.42
CA PRO B 41 -17.34 -42.64 19.00
C PRO B 41 -16.53 -43.64 18.18
N VAL B 42 -16.64 -44.91 18.51
CA VAL B 42 -15.85 -45.96 17.86
C VAL B 42 -16.70 -46.96 17.05
N GLY B 43 -16.02 -47.82 16.31
CA GLY B 43 -16.68 -48.72 15.38
C GLY B 43 -17.56 -48.00 14.37
N SER B 44 -18.85 -48.30 14.42
CA SER B 44 -19.80 -47.75 13.46
C SER B 44 -20.11 -46.31 13.84
N ARG B 45 -19.58 -45.89 14.98
CA ARG B 45 -19.79 -44.52 15.43
C ARG B 45 -18.79 -43.54 14.81
N ARG B 46 -17.74 -44.05 14.17
CA ARG B 46 -16.75 -43.17 13.54
C ARG B 46 -17.40 -42.26 12.51
N PHE B 47 -17.00 -40.99 12.51
CA PHE B 47 -17.52 -39.97 11.59
C PHE B 47 -18.97 -39.60 11.92
N MET B 48 -19.59 -40.26 12.90
CA MET B 48 -20.98 -39.95 13.22
C MET B 48 -21.05 -38.87 14.29
N PRO B 49 -22.18 -38.16 14.36
CA PRO B 49 -22.37 -37.19 15.45
C PRO B 49 -22.32 -37.90 16.81
N PRO B 50 -21.88 -37.18 17.87
CA PRO B 50 -21.74 -37.87 19.15
C PRO B 50 -23.10 -38.23 19.74
N GLU B 51 -23.13 -39.18 20.68
CA GLU B 51 -24.35 -39.46 21.42
C GLU B 51 -24.09 -39.26 22.91
N PRO B 52 -25.12 -38.81 23.64
CA PRO B 52 -25.06 -38.60 25.09
C PRO B 52 -24.59 -39.84 25.87
N LYS B 53 -23.68 -39.64 26.83
CA LYS B 53 -23.10 -40.75 27.58
C LYS B 53 -24.13 -41.42 28.51
N ARG B 54 -24.20 -42.74 28.44
CA ARG B 54 -25.15 -43.49 29.25
C ARG B 54 -24.78 -43.41 30.72
N PRO B 55 -25.78 -43.38 31.60
CA PRO B 55 -25.59 -43.42 33.06
C PRO B 55 -24.64 -44.53 33.47
N TRP B 56 -23.93 -44.33 34.57
CA TRP B 56 -23.01 -45.36 35.10
C TRP B 56 -23.29 -45.67 36.57
N SER B 57 -22.92 -46.88 36.99
CA SER B 57 -23.14 -47.32 38.36
C SER B 57 -21.97 -46.93 39.25
N GLY B 58 -22.22 -46.84 40.55
CA GLY B 58 -21.17 -46.51 41.50
C GLY B 58 -20.51 -45.16 41.29
N VAL B 59 -19.25 -45.07 41.74
CA VAL B 59 -18.47 -43.84 41.70
C VAL B 59 -17.40 -43.92 40.64
N LEU B 60 -17.54 -43.10 39.59
CA LEU B 60 -16.59 -43.07 38.50
C LEU B 60 -15.36 -42.23 38.86
N ASP B 61 -14.19 -42.80 38.62
CA ASP B 61 -12.94 -42.20 39.02
C ASP B 61 -12.54 -41.11 38.05
N ALA B 62 -12.70 -39.84 38.45
CA ALA B 62 -12.30 -38.70 37.62
C ALA B 62 -11.13 -37.96 38.26
N THR B 63 -10.01 -38.66 38.43
CA THR B 63 -8.85 -38.08 39.08
C THR B 63 -7.67 -37.94 38.11
N THR B 64 -7.87 -38.35 36.85
CA THR B 64 -6.80 -38.38 35.85
C THR B 64 -7.30 -37.94 34.48
N PHE B 65 -6.40 -37.36 33.69
CA PHE B 65 -6.74 -37.02 32.31
C PHE B 65 -7.01 -38.29 31.50
N GLN B 66 -8.07 -38.26 30.72
CA GLN B 66 -8.38 -39.36 29.82
C GLN B 66 -7.55 -39.29 28.54
N ASN B 67 -7.77 -40.25 27.65
CA ASN B 67 -7.01 -40.34 26.41
C ASN B 67 -7.21 -39.15 25.48
N VAL B 68 -6.20 -38.92 24.66
CA VAL B 68 -6.20 -37.87 23.66
C VAL B 68 -6.78 -38.39 22.36
N CYS B 69 -7.68 -37.61 21.75
CA CYS B 69 -8.29 -37.98 20.48
C CYS B 69 -7.26 -38.33 19.42
N TYR B 70 -7.55 -39.35 18.63
CA TYR B 70 -6.58 -39.80 17.65
C TYR B 70 -6.26 -38.69 16.65
N GLN B 71 -4.97 -38.51 16.36
CA GLN B 71 -4.48 -37.34 15.63
C GLN B 71 -3.02 -37.48 15.23
N TYR B 72 -2.65 -36.75 14.18
CA TYR B 72 -1.27 -36.68 13.72
C TYR B 72 -0.36 -36.10 14.81
N VAL B 73 0.86 -36.60 14.89
CA VAL B 73 1.82 -36.18 15.91
C VAL B 73 3.07 -35.57 15.27
N ASP B 74 3.38 -34.33 15.62
CA ASP B 74 4.47 -33.55 15.01
C ASP B 74 5.85 -34.17 15.20
N THR B 75 6.66 -34.16 14.14
CA THR B 75 8.00 -34.77 14.19
C THR B 75 9.08 -33.88 13.59
N LEU B 76 8.78 -32.60 13.42
CA LEU B 76 9.68 -31.68 12.76
C LEU B 76 11.02 -31.56 13.51
N TYR B 77 10.93 -31.32 14.81
CA TYR B 77 12.12 -31.26 15.65
C TYR B 77 11.95 -32.24 16.79
N PRO B 78 12.37 -33.50 16.58
CA PRO B 78 12.14 -34.60 17.51
C PRO B 78 12.80 -34.37 18.88
N GLY B 79 12.00 -34.21 19.93
CA GLY B 79 12.52 -34.05 21.27
C GLY B 79 12.92 -32.63 21.67
N PHE B 80 12.34 -31.65 20.99
CA PHE B 80 12.59 -30.24 21.26
C PHE B 80 11.37 -29.69 21.98
N GLU B 81 11.58 -29.04 23.11
CA GLU B 81 10.47 -28.61 23.97
C GLU B 81 9.46 -27.70 23.26
N GLY B 82 9.96 -26.89 22.32
CA GLY B 82 9.11 -25.93 21.62
C GLY B 82 8.02 -26.57 20.78
N THR B 83 8.32 -27.71 20.19
CA THR B 83 7.32 -28.43 19.41
C THR B 83 6.59 -29.47 20.27
N GLU B 84 7.34 -30.16 21.12
CA GLU B 84 6.81 -31.24 21.93
C GLU B 84 5.68 -30.79 22.85
N MET B 85 5.75 -29.54 23.29
CA MET B 85 4.77 -29.03 24.25
C MET B 85 3.34 -29.03 23.70
N TRP B 86 3.21 -29.19 22.38
CA TRP B 86 1.90 -29.25 21.72
C TRP B 86 1.47 -30.68 21.43
N ASN B 87 2.39 -31.62 21.55
CA ASN B 87 2.09 -33.02 21.24
C ASN B 87 1.27 -33.68 22.34
N PRO B 88 0.54 -34.74 21.99
CA PRO B 88 -0.28 -35.47 22.97
C PRO B 88 0.56 -35.89 24.19
N ASN B 89 0.08 -35.56 25.38
CA ASN B 89 0.73 -36.01 26.60
C ASN B 89 0.02 -37.19 27.27
N ARG B 90 -0.95 -37.79 26.58
CA ARG B 90 -1.56 -39.07 26.99
C ARG B 90 -1.65 -40.03 25.80
N GLU B 91 -2.10 -41.25 26.05
CA GLU B 91 -2.28 -42.24 25.01
C GLU B 91 -3.30 -41.78 23.98
N LEU B 92 -3.07 -42.09 22.70
CA LEU B 92 -4.04 -41.78 21.66
C LEU B 92 -5.18 -42.82 21.66
N SER B 93 -6.39 -42.38 21.35
CA SER B 93 -7.53 -43.28 21.24
C SER B 93 -8.70 -42.56 20.55
N GLU B 94 -9.49 -43.30 19.77
CA GLU B 94 -10.75 -42.75 19.27
C GLU B 94 -11.78 -42.64 20.40
N ASP B 95 -11.54 -43.40 21.46
CA ASP B 95 -12.36 -43.29 22.65
C ASP B 95 -11.74 -42.14 23.41
N CYS B 96 -12.21 -40.93 23.16
CA CYS B 96 -11.56 -39.74 23.71
C CYS B 96 -12.53 -38.64 24.13
N LEU B 97 -13.81 -38.93 24.20
CA LEU B 97 -14.77 -37.87 24.49
C LEU B 97 -15.00 -37.63 25.98
N TYR B 98 -14.03 -36.94 26.59
CA TYR B 98 -14.09 -36.60 28.01
C TYR B 98 -13.79 -35.13 28.23
N LEU B 99 -14.34 -34.58 29.31
CA LEU B 99 -14.11 -33.19 29.66
C LEU B 99 -13.49 -33.09 31.05
N ASN B 100 -12.98 -31.91 31.38
CA ASN B 100 -12.35 -31.66 32.66
C ASN B 100 -12.93 -30.42 33.34
N VAL B 101 -13.09 -30.48 34.65
CA VAL B 101 -13.64 -29.37 35.43
C VAL B 101 -12.74 -29.04 36.61
N TRP B 102 -12.29 -27.79 36.71
CA TRP B 102 -11.59 -27.32 37.90
C TRP B 102 -12.48 -26.34 38.65
N THR B 103 -12.47 -26.41 39.98
CA THR B 103 -13.17 -25.43 40.80
C THR B 103 -12.33 -25.13 42.03
N PRO B 104 -12.68 -24.05 42.74
CA PRO B 104 -12.09 -23.75 44.04
C PRO B 104 -12.34 -24.88 45.02
N TYR B 105 -11.50 -24.96 46.06
CA TYR B 105 -11.64 -25.91 47.14
C TYR B 105 -11.59 -25.09 48.42
N PRO B 106 -12.69 -25.11 49.21
CA PRO B 106 -13.92 -25.87 48.95
C PRO B 106 -14.61 -25.35 47.69
N ARG B 107 -15.53 -26.14 47.13
CA ARG B 107 -16.23 -25.69 45.92
C ARG B 107 -17.06 -24.45 46.23
N PRO B 108 -17.29 -23.59 45.22
CA PRO B 108 -17.90 -22.27 45.39
C PRO B 108 -19.19 -22.26 46.22
N ALA B 109 -19.24 -21.34 47.18
CA ALA B 109 -20.41 -21.13 48.03
C ALA B 109 -21.64 -20.71 47.23
N SER B 110 -21.44 -19.77 46.32
CA SER B 110 -22.50 -19.32 45.42
C SER B 110 -22.07 -19.58 43.98
N PRO B 111 -23.04 -19.66 43.07
CA PRO B 111 -22.80 -19.95 41.65
C PRO B 111 -21.76 -19.02 41.01
N THR B 112 -20.75 -19.62 40.39
CA THR B 112 -19.60 -18.91 39.90
C THR B 112 -19.62 -18.91 38.39
N PRO B 113 -19.21 -17.80 37.77
CA PRO B 113 -19.10 -17.73 36.31
C PRO B 113 -18.23 -18.86 35.80
N VAL B 114 -18.61 -19.44 34.66
CA VAL B 114 -17.89 -20.58 34.11
C VAL B 114 -17.10 -20.20 32.87
N LEU B 115 -15.82 -20.56 32.84
CA LEU B 115 -15.02 -20.44 31.63
C LEU B 115 -14.85 -21.80 30.97
N ILE B 116 -15.18 -21.88 29.69
CA ILE B 116 -14.97 -23.12 28.94
C ILE B 116 -13.88 -22.95 27.86
N TRP B 117 -12.76 -23.64 28.04
CA TRP B 117 -11.67 -23.64 27.07
C TRP B 117 -11.87 -24.61 25.90
N ILE B 118 -11.60 -24.11 24.69
CA ILE B 118 -11.57 -24.94 23.49
C ILE B 118 -10.21 -24.84 22.79
N TYR B 119 -9.40 -25.88 22.93
CA TYR B 119 -8.06 -25.90 22.36
C TYR B 119 -7.99 -25.75 20.83
N GLY B 120 -6.87 -25.25 20.35
CA GLY B 120 -6.57 -25.22 18.92
C GLY B 120 -5.67 -26.38 18.52
N GLY B 121 -4.94 -26.21 17.43
CA GLY B 121 -4.28 -27.32 16.75
C GLY B 121 -4.75 -27.60 15.33
N GLY B 122 -5.17 -26.56 14.60
CA GLY B 122 -5.59 -26.65 13.21
C GLY B 122 -6.72 -27.62 12.89
N PHE B 123 -7.51 -28.03 13.89
CA PHE B 123 -8.57 -29.03 13.70
C PHE B 123 -8.01 -30.39 13.37
N TYR B 124 -6.69 -30.54 13.51
CA TYR B 124 -6.07 -31.84 13.24
C TYR B 124 -5.40 -32.42 14.48
N SER B 125 -5.31 -31.64 15.55
CA SER B 125 -4.55 -32.06 16.72
C SER B 125 -4.98 -31.28 17.95
N GLY B 126 -4.35 -31.57 19.09
CA GLY B 126 -4.61 -30.86 20.32
C GLY B 126 -5.23 -31.74 21.39
N ALA B 127 -5.19 -31.28 22.64
CA ALA B 127 -5.80 -32.00 23.75
C ALA B 127 -5.99 -31.10 24.96
N ALA B 128 -7.03 -31.35 25.75
CA ALA B 128 -7.28 -30.52 26.93
C ALA B 128 -6.34 -30.85 28.08
N SER B 129 -5.49 -31.86 27.89
CA SER B 129 -4.55 -32.26 28.93
C SER B 129 -3.16 -31.57 28.89
N LEU B 130 -2.91 -30.75 27.88
CA LEU B 130 -1.61 -30.10 27.78
C LEU B 130 -1.36 -29.23 29.00
N ASP B 131 -0.11 -29.19 29.46
CA ASP B 131 0.26 -28.35 30.60
C ASP B 131 -0.16 -26.87 30.48
N VAL B 132 -0.12 -26.30 29.27
CA VAL B 132 -0.50 -24.89 29.12
C VAL B 132 -1.99 -24.61 29.31
N TYR B 133 -2.80 -25.67 29.40
CA TYR B 133 -4.25 -25.52 29.58
C TYR B 133 -4.67 -25.83 31.01
N ASP B 134 -3.70 -25.99 31.89
CA ASP B 134 -3.98 -26.27 33.29
C ASP B 134 -4.88 -25.21 33.93
N GLY B 135 -6.08 -25.64 34.32
CA GLY B 135 -7.08 -24.75 34.88
C GLY B 135 -6.97 -24.39 36.35
N ARG B 136 -5.99 -24.93 37.06
CA ARG B 136 -5.96 -24.77 38.51
C ARG B 136 -5.59 -23.34 38.93
N PHE B 137 -4.84 -22.64 38.11
CA PHE B 137 -4.46 -21.28 38.45
C PHE B 137 -5.66 -20.35 38.42
N LEU B 138 -6.41 -20.37 37.32
CA LEU B 138 -7.61 -19.55 37.22
C LEU B 138 -8.63 -19.92 38.31
N ALA B 139 -8.74 -21.21 38.59
CA ALA B 139 -9.68 -21.69 39.62
C ALA B 139 -9.27 -21.22 41.01
N GLN B 140 -7.99 -21.36 41.33
CA GLN B 140 -7.49 -20.99 42.64
C GLN B 140 -7.48 -19.48 42.84
N VAL B 141 -6.93 -18.73 41.88
CA VAL B 141 -6.70 -17.30 42.05
C VAL B 141 -7.95 -16.42 41.82
N GLU B 142 -8.65 -16.65 40.73
CA GLU B 142 -9.88 -15.92 40.42
C GLU B 142 -11.17 -16.63 40.87
N GLY B 143 -11.04 -17.79 41.50
CA GLY B 143 -12.19 -18.54 41.96
C GLY B 143 -13.13 -18.89 40.83
N ALA B 144 -12.58 -19.08 39.63
CA ALA B 144 -13.38 -19.46 38.48
C ALA B 144 -13.69 -20.95 38.47
N VAL B 145 -14.79 -21.33 37.83
CA VAL B 145 -15.00 -22.71 37.47
C VAL B 145 -14.56 -22.88 36.02
N LEU B 146 -13.53 -23.70 35.80
CA LEU B 146 -12.99 -23.89 34.47
C LEU B 146 -13.30 -25.28 33.89
N VAL B 147 -13.73 -25.29 32.63
CA VAL B 147 -14.08 -26.53 31.94
C VAL B 147 -13.36 -26.63 30.61
N SER B 148 -12.80 -27.80 30.30
CA SER B 148 -12.26 -28.05 28.97
C SER B 148 -12.64 -29.46 28.48
N MET B 149 -12.91 -29.57 27.18
CA MET B 149 -13.28 -30.86 26.59
C MET B 149 -12.31 -31.33 25.51
N ASN B 150 -12.28 -32.65 25.27
CA ASN B 150 -11.63 -33.17 24.09
C ASN B 150 -12.67 -33.17 23.00
N TYR B 151 -12.28 -32.89 21.77
CA TYR B 151 -13.18 -33.06 20.65
C TYR B 151 -12.42 -33.74 19.52
N ARG B 152 -13.14 -34.51 18.71
CA ARG B 152 -12.50 -35.29 17.66
C ARG B 152 -11.83 -34.36 16.64
N VAL B 153 -10.59 -34.67 16.28
CA VAL B 153 -9.86 -33.89 15.29
C VAL B 153 -9.56 -34.71 14.04
N GLY B 154 -8.96 -34.06 13.04
CA GLY B 154 -8.60 -34.73 11.80
C GLY B 154 -9.78 -35.40 11.10
N THR B 155 -9.51 -36.46 10.35
CA THR B 155 -10.58 -37.20 9.69
C THR B 155 -11.71 -37.64 10.66
N PHE B 156 -11.35 -37.99 11.89
CA PHE B 156 -12.35 -38.49 12.85
C PHE B 156 -13.34 -37.40 13.24
N GLY B 157 -12.88 -36.16 13.35
CA GLY B 157 -13.77 -35.08 13.72
C GLY B 157 -14.41 -34.33 12.57
N PHE B 158 -13.77 -34.32 11.40
CA PHE B 158 -14.21 -33.44 10.32
C PHE B 158 -14.22 -34.02 8.91
N LEU B 159 -13.95 -35.32 8.76
CA LEU B 159 -14.11 -35.91 7.44
C LEU B 159 -15.58 -35.91 7.06
N ALA B 160 -15.89 -35.42 5.87
CA ALA B 160 -17.28 -35.25 5.47
C ALA B 160 -17.55 -35.65 4.04
N LEU B 161 -18.63 -36.41 3.88
CA LEU B 161 -19.24 -36.61 2.59
C LEU B 161 -20.59 -35.90 2.67
N PRO B 162 -20.57 -34.58 2.39
CA PRO B 162 -21.70 -33.66 2.52
C PRO B 162 -22.97 -34.25 1.97
N GLY B 163 -24.01 -34.32 2.80
CA GLY B 163 -25.29 -34.84 2.36
C GLY B 163 -25.53 -36.31 2.72
N SER B 164 -24.47 -37.03 3.08
CA SER B 164 -24.60 -38.43 3.46
C SER B 164 -25.09 -38.49 4.89
N ARG B 165 -25.78 -39.57 5.25
CA ARG B 165 -26.24 -39.75 6.62
C ARG B 165 -25.09 -40.10 7.57
N GLU B 166 -24.12 -40.84 7.05
CA GLU B 166 -23.08 -41.47 7.87
C GLU B 166 -21.83 -40.63 8.10
N ALA B 167 -21.57 -39.66 7.24
CA ALA B 167 -20.45 -38.74 7.42
C ALA B 167 -20.84 -37.32 7.01
N PRO B 168 -21.73 -36.71 7.79
CA PRO B 168 -22.35 -35.41 7.54
C PRO B 168 -21.41 -34.23 7.73
N GLY B 169 -20.22 -34.49 8.26
CA GLY B 169 -19.27 -33.44 8.57
C GLY B 169 -19.51 -32.72 9.89
N ASN B 170 -18.47 -32.07 10.39
CA ASN B 170 -18.57 -31.20 11.55
C ASN B 170 -18.81 -31.90 12.89
N VAL B 171 -18.65 -33.22 12.93
CA VAL B 171 -18.99 -33.93 14.16
C VAL B 171 -18.12 -33.46 15.30
N GLY B 172 -16.90 -33.02 14.97
CA GLY B 172 -15.99 -32.51 15.98
C GLY B 172 -16.54 -31.26 16.66
N LEU B 173 -17.28 -30.45 15.92
CA LEU B 173 -17.92 -29.28 16.51
C LEU B 173 -19.14 -29.72 17.30
N LEU B 174 -19.81 -30.79 16.86
CA LEU B 174 -20.91 -31.37 17.64
C LEU B 174 -20.42 -31.95 18.98
N ASP B 175 -19.24 -32.55 18.99
CA ASP B 175 -18.61 -32.96 20.24
C ASP B 175 -18.52 -31.78 21.20
N GLN B 176 -18.02 -30.65 20.72
CA GLN B 176 -17.90 -29.44 21.54
C GLN B 176 -19.26 -29.01 22.05
N ARG B 177 -20.24 -28.97 21.16
CA ARG B 177 -21.61 -28.59 21.52
C ARG B 177 -22.21 -29.49 22.62
N LEU B 178 -22.02 -30.82 22.51
CA LEU B 178 -22.53 -31.74 23.54
C LEU B 178 -21.89 -31.40 24.89
N ALA B 179 -20.58 -31.15 24.89
CA ALA B 179 -19.86 -30.75 26.10
C ALA B 179 -20.45 -29.49 26.72
N LEU B 180 -20.88 -28.58 25.87
CA LEU B 180 -21.50 -27.33 26.32
C LEU B 180 -22.89 -27.63 26.89
N GLN B 181 -23.62 -28.55 26.26
CA GLN B 181 -24.90 -29.04 26.80
C GLN B 181 -24.66 -29.67 28.17
N TRP B 182 -23.59 -30.46 28.28
CA TRP B 182 -23.26 -31.10 29.55
C TRP B 182 -23.05 -30.09 30.66
N VAL B 183 -22.37 -28.98 30.34
CA VAL B 183 -22.12 -27.92 31.30
C VAL B 183 -23.43 -27.28 31.78
N GLN B 184 -24.33 -27.02 30.84
CA GLN B 184 -25.66 -26.51 31.19
C GLN B 184 -26.37 -27.44 32.17
N GLU B 185 -26.35 -28.74 31.88
CA GLU B 185 -27.09 -29.72 32.67
C GLU B 185 -26.44 -30.05 34.02
N ASN B 186 -25.13 -29.85 34.13
CA ASN B 186 -24.40 -30.45 35.25
C ASN B 186 -23.55 -29.51 36.09
N ILE B 187 -23.22 -28.35 35.53
CA ILE B 187 -22.19 -27.52 36.11
C ILE B 187 -22.65 -26.94 37.43
N ALA B 188 -23.95 -26.73 37.59
CA ALA B 188 -24.47 -26.24 38.85
C ALA B 188 -24.08 -27.13 40.04
N ALA B 189 -23.84 -28.41 39.77
CA ALA B 189 -23.49 -29.37 40.83
C ALA B 189 -22.05 -29.14 41.30
N PHE B 190 -21.28 -28.39 40.51
CA PHE B 190 -19.90 -28.09 40.88
C PHE B 190 -19.79 -26.70 41.50
N GLY B 191 -20.91 -25.99 41.54
CA GLY B 191 -20.93 -24.61 42.01
C GLY B 191 -20.82 -23.61 40.86
N GLY B 192 -20.90 -24.11 39.63
CA GLY B 192 -20.84 -23.25 38.46
C GLY B 192 -22.20 -22.67 38.09
N ASP B 193 -22.20 -21.49 37.49
CA ASP B 193 -23.41 -20.81 37.05
C ASP B 193 -23.64 -21.06 35.56
N PRO B 194 -24.70 -21.81 35.22
CA PRO B 194 -24.95 -22.14 33.81
C PRO B 194 -25.49 -20.93 33.06
N MET B 195 -25.97 -19.94 33.83
CA MET B 195 -26.50 -18.71 33.23
CA MET B 195 -26.50 -18.72 33.24
C MET B 195 -25.41 -17.66 32.98
N SER B 196 -24.16 -18.04 33.18
CA SER B 196 -23.02 -17.16 32.88
C SER B 196 -21.84 -18.00 32.41
N VAL B 197 -21.88 -18.40 31.14
CA VAL B 197 -20.85 -19.26 30.56
C VAL B 197 -20.05 -18.50 29.50
N THR B 198 -18.73 -18.46 29.66
CA THR B 198 -17.88 -17.82 28.66
C THR B 198 -17.03 -18.86 27.91
N LEU B 199 -17.19 -18.92 26.59
CA LEU B 199 -16.29 -19.73 25.77
C LEU B 199 -15.00 -18.97 25.49
N PHE B 200 -13.86 -19.65 25.58
CA PHE B 200 -12.62 -19.08 25.08
C PHE B 200 -11.73 -20.14 24.46
N GLY B 201 -11.00 -19.77 23.41
CA GLY B 201 -10.14 -20.69 22.70
C GLY B 201 -9.11 -19.99 21.84
N GLU B 202 -8.11 -20.73 21.39
CA GLU B 202 -7.02 -20.14 20.62
C GLU B 202 -6.83 -20.88 19.29
N SER B 203 -6.43 -20.15 18.25
CA SER B 203 -6.31 -20.68 16.89
C SER B 203 -7.60 -21.43 16.47
N ALA B 204 -7.49 -22.72 16.12
CA ALA B 204 -8.67 -23.48 15.70
C ALA B 204 -9.76 -23.51 16.78
N GLY B 205 -9.34 -23.42 18.04
CA GLY B 205 -10.25 -23.24 19.15
C GLY B 205 -11.04 -21.94 19.11
N ALA B 206 -10.37 -20.83 18.76
CA ALA B 206 -11.05 -19.55 18.60
C ALA B 206 -12.03 -19.62 17.44
N ALA B 207 -11.59 -20.23 16.34
CA ALA B 207 -12.46 -20.41 15.18
C ALA B 207 -13.67 -21.28 15.56
N SER B 208 -13.50 -22.28 16.44
CA SER B 208 -14.64 -23.08 16.93
C SER B 208 -15.60 -22.19 17.72
N VAL B 209 -15.06 -21.40 18.64
CA VAL B 209 -15.86 -20.43 19.39
C VAL B 209 -16.68 -19.56 18.43
N GLY B 210 -16.03 -19.06 17.38
CA GLY B 210 -16.73 -18.28 16.37
C GLY B 210 -17.82 -19.04 15.64
N MET B 211 -17.56 -20.31 15.36
CA MET B 211 -18.60 -21.11 14.71
C MET B 211 -19.80 -21.36 15.63
N HIS B 212 -19.57 -21.41 16.93
CA HIS B 212 -20.69 -21.51 17.87
C HIS B 212 -21.47 -20.19 17.90
N ILE B 213 -20.78 -19.05 17.75
CA ILE B 213 -21.47 -17.76 17.62
C ILE B 213 -22.41 -17.75 16.42
N LEU B 214 -21.94 -18.36 15.33
CA LEU B 214 -22.64 -18.35 14.05
C LEU B 214 -23.61 -19.51 13.87
N SER B 215 -23.69 -20.41 14.85
CA SER B 215 -24.60 -21.55 14.75
C SER B 215 -25.69 -21.50 15.82
N LEU B 216 -26.93 -21.30 15.39
CA LEU B 216 -28.02 -20.98 16.31
C LEU B 216 -28.18 -21.95 17.47
N PRO B 217 -28.17 -23.26 17.19
CA PRO B 217 -28.36 -24.20 18.30
C PRO B 217 -27.29 -24.11 19.42
N SER B 218 -26.12 -23.54 19.14
CA SER B 218 -25.09 -23.38 20.17
C SER B 218 -25.33 -22.16 21.05
N ARG B 219 -26.13 -21.22 20.55
CA ARG B 219 -26.28 -19.91 21.20
C ARG B 219 -26.93 -19.93 22.58
N SER B 220 -27.73 -20.93 22.86
CA SER B 220 -28.42 -20.99 24.14
C SER B 220 -27.51 -21.62 25.19
N LEU B 221 -26.28 -21.91 24.81
CA LEU B 221 -25.36 -22.64 25.68
C LEU B 221 -24.19 -21.78 26.20
N PHE B 222 -24.06 -20.56 25.71
CA PHE B 222 -23.06 -19.63 26.25
C PHE B 222 -23.52 -18.18 26.17
N HIS B 223 -22.86 -17.31 26.93
CA HIS B 223 -23.28 -15.92 27.01
C HIS B 223 -22.24 -14.94 26.49
N ARG B 224 -20.97 -15.32 26.52
CA ARG B 224 -19.88 -14.48 26.04
C ARG B 224 -18.83 -15.36 25.37
N ALA B 225 -17.92 -14.73 24.62
CA ALA B 225 -16.90 -15.46 23.88
C ALA B 225 -15.56 -14.74 23.85
N VAL B 226 -14.49 -15.53 23.79
CA VAL B 226 -13.15 -15.01 23.61
C VAL B 226 -12.49 -15.75 22.45
N LEU B 227 -11.96 -15.00 21.49
CA LEU B 227 -11.28 -15.61 20.36
C LEU B 227 -9.83 -15.17 20.30
N GLN B 228 -8.92 -16.08 20.63
CA GLN B 228 -7.49 -15.77 20.64
C GLN B 228 -6.80 -16.28 19.36
N SER B 229 -6.41 -15.35 18.49
CA SER B 229 -5.64 -15.71 17.29
C SER B 229 -6.37 -16.68 16.35
N GLY B 230 -7.66 -16.46 16.13
CA GLY B 230 -8.41 -17.35 15.26
C GLY B 230 -9.83 -16.85 15.04
N THR B 231 -10.44 -17.30 13.95
CA THR B 231 -11.72 -16.77 13.53
C THR B 231 -12.39 -17.83 12.69
N PRO B 232 -13.72 -17.82 12.65
CA PRO B 232 -14.46 -18.75 11.79
C PRO B 232 -14.29 -18.36 10.34
N ASN B 233 -14.36 -17.05 10.07
CA ASN B 233 -14.06 -16.51 8.75
C ASN B 233 -12.58 -16.71 8.42
N GLY B 234 -12.19 -16.40 7.19
CA GLY B 234 -10.78 -16.52 6.82
C GLY B 234 -10.46 -17.72 5.95
N PRO B 235 -9.19 -17.87 5.58
CA PRO B 235 -8.82 -18.80 4.51
C PRO B 235 -8.59 -20.27 4.92
N TRP B 236 -8.57 -20.60 6.22
CA TRP B 236 -8.25 -21.98 6.61
C TRP B 236 -9.29 -22.72 7.44
N ALA B 237 -10.21 -21.98 8.07
CA ALA B 237 -11.06 -22.56 9.12
C ALA B 237 -12.25 -23.38 8.61
N THR B 238 -12.63 -23.17 7.35
CA THR B 238 -13.74 -23.88 6.74
C THR B 238 -13.42 -24.29 5.32
N VAL B 239 -14.18 -25.25 4.81
CA VAL B 239 -14.12 -25.62 3.40
C VAL B 239 -15.53 -25.72 2.83
N SER B 240 -15.62 -25.71 1.51
CA SER B 240 -16.92 -25.85 0.86
C SER B 240 -17.25 -27.33 0.85
N ALA B 241 -18.54 -27.64 0.72
CA ALA B 241 -18.98 -29.02 0.61
C ALA B 241 -18.25 -29.72 -0.52
N GLY B 242 -18.10 -29.01 -1.64
CA GLY B 242 -17.46 -29.56 -2.82
C GLY B 242 -16.03 -29.97 -2.57
N GLU B 243 -15.33 -29.17 -1.79
CA GLU B 243 -13.91 -29.40 -1.52
C GLU B 243 -13.70 -30.45 -0.44
N ALA B 244 -14.63 -30.54 0.50
CA ALA B 244 -14.54 -31.56 1.55
C ALA B 244 -14.84 -32.93 0.95
N ARG B 245 -15.87 -32.99 0.10
CA ARG B 245 -16.19 -34.21 -0.61
C ARG B 245 -14.97 -34.67 -1.38
N ARG B 246 -14.31 -33.75 -2.07
CA ARG B 246 -13.10 -34.05 -2.83
C ARG B 246 -12.02 -34.69 -1.95
N ARG B 247 -11.71 -34.04 -0.83
CA ARG B 247 -10.65 -34.52 0.06
C ARG B 247 -10.98 -35.89 0.66
N ALA B 248 -12.25 -36.10 1.01
CA ALA B 248 -12.68 -37.37 1.62
C ALA B 248 -12.51 -38.55 0.67
N THR B 249 -12.95 -38.39 -0.59
CA THR B 249 -12.81 -39.46 -1.55
C THR B 249 -11.38 -39.67 -2.05
N LEU B 250 -10.53 -38.66 -1.88
CA LEU B 250 -9.11 -38.80 -2.20
C LEU B 250 -8.41 -39.61 -1.12
N LEU B 251 -8.75 -39.30 0.12
CA LEU B 251 -8.22 -40.08 1.24
C LEU B 251 -8.69 -41.53 1.13
N ALA B 252 -9.93 -41.74 0.69
CA ALA B 252 -10.47 -43.09 0.60
C ALA B 252 -9.77 -43.84 -0.52
N ARG B 253 -9.32 -43.09 -1.51
CA ARG B 253 -8.59 -43.67 -2.62
C ARG B 253 -7.22 -44.13 -2.13
N LEU B 254 -6.59 -43.31 -1.30
CA LEU B 254 -5.25 -43.60 -0.81
C LEU B 254 -5.24 -44.81 0.13
N VAL B 255 -6.32 -44.99 0.88
CA VAL B 255 -6.42 -46.12 1.80
C VAL B 255 -7.02 -47.39 1.17
N GLY B 256 -7.44 -47.29 -0.09
CA GLY B 256 -7.95 -48.44 -0.81
C GLY B 256 -9.46 -48.59 -0.86
N CYS B 257 -10.18 -47.49 -0.66
CA CYS B 257 -11.64 -47.51 -0.68
C CYS B 257 -12.21 -46.86 -1.95
N ASN B 265 -21.26 -44.65 -4.57
CA ASN B 265 -22.12 -44.81 -3.40
C ASN B 265 -21.41 -44.34 -2.13
N ASP B 266 -21.96 -43.32 -1.45
CA ASP B 266 -21.34 -42.81 -0.21
C ASP B 266 -21.31 -43.86 0.90
N THR B 267 -22.40 -44.61 1.06
CA THR B 267 -22.50 -45.56 2.15
C THR B 267 -21.41 -46.63 2.06
N GLU B 268 -21.19 -47.15 0.86
CA GLU B 268 -20.12 -48.11 0.66
C GLU B 268 -18.77 -47.50 1.05
N LEU B 269 -18.51 -46.30 0.54
CA LEU B 269 -17.22 -45.64 0.78
C LEU B 269 -16.93 -45.40 2.25
N ILE B 270 -17.91 -44.84 2.97
CA ILE B 270 -17.75 -44.59 4.40
C ILE B 270 -17.61 -45.89 5.19
N ALA B 271 -18.26 -46.94 4.72
CA ALA B 271 -18.20 -48.24 5.38
C ALA B 271 -16.78 -48.79 5.37
N CYS B 272 -16.15 -48.77 4.20
CA CYS B 272 -14.77 -49.27 4.08
C CYS B 272 -13.79 -48.42 4.91
N LEU B 273 -14.06 -47.12 5.00
CA LEU B 273 -13.21 -46.24 5.81
C LEU B 273 -13.35 -46.61 7.27
N ARG B 274 -14.57 -46.98 7.67
CA ARG B 274 -14.82 -47.38 9.06
C ARG B 274 -14.06 -48.63 9.48
N THR B 275 -13.65 -49.45 8.52
CA THR B 275 -12.88 -50.65 8.81
C THR B 275 -11.37 -50.40 8.92
N ARG B 276 -10.93 -49.20 8.55
CA ARG B 276 -9.52 -48.90 8.57
C ARG B 276 -9.02 -48.56 9.98
N PRO B 277 -7.87 -49.15 10.36
CA PRO B 277 -7.22 -48.71 11.60
C PRO B 277 -6.91 -47.22 11.57
N ALA B 278 -6.92 -46.62 12.74
CA ALA B 278 -6.81 -45.18 12.89
C ALA B 278 -5.55 -44.61 12.24
N GLN B 279 -4.42 -45.26 12.47
CA GLN B 279 -3.15 -44.72 12.01
C GLN B 279 -3.06 -44.72 10.49
N ASP B 280 -3.87 -45.57 9.85
CA ASP B 280 -3.88 -45.65 8.39
C ASP B 280 -4.51 -44.40 7.77
N LEU B 281 -5.54 -43.87 8.43
CA LEU B 281 -6.16 -42.64 7.98
C LEU B 281 -5.23 -41.46 8.21
N VAL B 282 -4.61 -41.44 9.39
CA VAL B 282 -3.69 -40.38 9.77
C VAL B 282 -2.46 -40.32 8.86
N ASP B 283 -2.01 -41.49 8.40
CA ASP B 283 -0.86 -41.57 7.49
C ASP B 283 -1.01 -40.70 6.23
N HIS B 284 -2.25 -40.42 5.82
CA HIS B 284 -2.49 -39.74 4.56
C HIS B 284 -3.17 -38.39 4.75
N GLU B 285 -3.26 -37.96 6.00
CA GLU B 285 -3.90 -36.70 6.35
C GLU B 285 -3.38 -35.56 5.49
N TRP B 286 -2.07 -35.47 5.36
CA TRP B 286 -1.43 -34.33 4.72
C TRP B 286 -1.37 -34.47 3.20
N HIS B 287 -1.79 -35.61 2.69
CA HIS B 287 -1.68 -35.88 1.26
C HIS B 287 -2.87 -35.38 0.44
N VAL B 288 -3.88 -34.80 1.08
CA VAL B 288 -5.08 -34.42 0.33
C VAL B 288 -5.21 -32.92 0.05
N LEU B 289 -4.28 -32.11 0.55
CA LEU B 289 -4.32 -30.67 0.29
C LEU B 289 -4.11 -30.37 -1.19
N PRO B 290 -4.90 -29.44 -1.75
CA PRO B 290 -4.90 -29.10 -3.19
C PRO B 290 -3.61 -28.42 -3.66
N GLN B 291 -2.94 -27.71 -2.76
CA GLN B 291 -1.68 -27.04 -3.09
C GLN B 291 -0.67 -27.20 -1.95
N GLU B 292 0.61 -27.10 -2.31
CA GLU B 292 1.67 -26.99 -1.33
C GLU B 292 1.43 -25.71 -0.55
N SER B 293 1.37 -25.80 0.76
CA SER B 293 0.99 -24.67 1.56
C SER B 293 1.47 -24.83 2.98
N ILE B 294 1.28 -23.76 3.76
CA ILE B 294 1.40 -23.79 5.20
C ILE B 294 0.15 -23.12 5.74
N PHE B 295 -0.15 -23.32 7.03
CA PHE B 295 -1.36 -22.81 7.64
C PHE B 295 -2.58 -23.24 6.83
N ARG B 296 -2.54 -24.48 6.36
CA ARG B 296 -3.68 -25.06 5.67
C ARG B 296 -3.87 -26.47 6.23
N PHE B 297 -5.12 -26.84 6.52
CA PHE B 297 -5.37 -28.12 7.20
C PHE B 297 -6.41 -28.97 6.47
N SER B 298 -6.16 -30.28 6.35
CA SER B 298 -6.95 -31.13 5.47
C SER B 298 -8.42 -31.36 5.88
N PHE B 299 -8.67 -31.63 7.14
CA PHE B 299 -10.06 -31.84 7.57
C PHE B 299 -10.49 -30.86 8.63
N VAL B 300 -11.35 -29.93 8.23
CA VAL B 300 -11.76 -28.81 9.05
C VAL B 300 -13.26 -28.65 8.84
N PRO B 301 -13.89 -27.72 9.60
CA PRO B 301 -15.34 -27.53 9.47
C PRO B 301 -15.78 -27.28 8.04
N VAL B 302 -16.96 -27.78 7.70
CA VAL B 302 -17.44 -27.71 6.34
C VAL B 302 -18.70 -26.86 6.26
N VAL B 303 -18.83 -26.05 5.22
CA VAL B 303 -20.07 -25.32 5.03
C VAL B 303 -21.14 -26.31 4.57
N ASP B 304 -21.81 -26.91 5.54
CA ASP B 304 -22.79 -27.98 5.29
C ASP B 304 -24.18 -27.46 4.94
N GLY B 305 -24.49 -26.25 5.38
CA GLY B 305 -25.83 -25.70 5.24
C GLY B 305 -26.65 -26.16 6.43
N ASP B 306 -25.99 -26.77 7.41
CA ASP B 306 -26.65 -27.27 8.61
C ASP B 306 -26.08 -26.61 9.86
N PHE B 307 -24.95 -27.12 10.35
CA PHE B 307 -24.24 -26.47 11.45
C PHE B 307 -23.89 -25.04 11.03
N LEU B 308 -23.40 -24.91 9.81
CA LEU B 308 -23.14 -23.61 9.19
C LEU B 308 -24.10 -23.43 8.03
N SER B 309 -25.11 -22.58 8.23
CA SER B 309 -26.13 -22.37 7.21
C SER B 309 -25.56 -21.72 5.94
N ASP B 310 -24.47 -20.97 6.09
CA ASP B 310 -23.80 -20.33 4.97
C ASP B 310 -22.32 -20.23 5.31
N THR B 311 -21.54 -19.57 4.45
CA THR B 311 -20.12 -19.38 4.76
C THR B 311 -20.01 -18.45 5.96
N PRO B 312 -18.96 -18.61 6.77
CA PRO B 312 -18.79 -17.66 7.86
C PRO B 312 -18.71 -16.22 7.36
N GLU B 313 -18.16 -15.99 6.17
CA GLU B 313 -18.11 -14.62 5.63
C GLU B 313 -19.52 -14.06 5.51
N ALA B 314 -20.40 -14.77 4.82
CA ALA B 314 -21.80 -14.38 4.69
C ALA B 314 -22.48 -14.15 6.05
N LEU B 315 -22.27 -15.08 6.98
CA LEU B 315 -22.93 -15.04 8.29
C LEU B 315 -22.47 -13.90 9.18
N ILE B 316 -21.18 -13.55 9.16
CA ILE B 316 -20.74 -12.43 9.96
C ILE B 316 -21.17 -11.13 9.29
N ASN B 317 -21.30 -11.17 7.96
CA ASN B 317 -21.67 -9.97 7.22
C ASN B 317 -23.14 -9.58 7.46
N THR B 318 -23.97 -10.55 7.85
CA THR B 318 -25.41 -10.32 7.91
C THR B 318 -26.05 -10.63 9.26
N GLY B 319 -25.30 -11.25 10.16
CA GLY B 319 -25.84 -11.62 11.46
C GLY B 319 -26.31 -10.44 12.29
N ASP B 320 -27.16 -10.71 13.27
CA ASP B 320 -27.54 -9.72 14.27
C ASP B 320 -26.87 -10.07 15.60
N PHE B 321 -25.87 -9.27 15.98
CA PHE B 321 -25.09 -9.56 17.16
C PHE B 321 -25.37 -8.60 18.32
N GLN B 322 -26.59 -8.07 18.35
CA GLN B 322 -27.06 -7.14 19.40
C GLN B 322 -26.56 -7.49 20.80
N ASP B 323 -27.20 -8.46 21.42
CA ASP B 323 -26.81 -8.87 22.77
C ASP B 323 -25.73 -9.93 22.69
N LEU B 324 -24.47 -9.47 22.73
CA LEU B 324 -23.32 -10.34 22.60
C LEU B 324 -22.04 -9.56 22.91
N GLN B 325 -21.21 -10.12 23.80
CA GLN B 325 -19.93 -9.51 24.10
C GLN B 325 -18.79 -10.44 23.71
N VAL B 326 -17.78 -9.86 23.06
CA VAL B 326 -16.68 -10.63 22.52
C VAL B 326 -15.35 -9.92 22.80
N LEU B 327 -14.34 -10.71 23.11
CA LEU B 327 -12.99 -10.21 23.33
C LEU B 327 -12.14 -10.95 22.30
N VAL B 328 -11.41 -10.20 21.45
CA VAL B 328 -10.62 -10.84 20.40
C VAL B 328 -9.25 -10.21 20.31
N GLY B 329 -8.26 -11.00 19.88
CA GLY B 329 -6.92 -10.47 19.76
C GLY B 329 -5.96 -11.33 18.97
N VAL B 330 -4.70 -10.92 18.95
CA VAL B 330 -3.66 -11.56 18.19
C VAL B 330 -2.36 -11.40 18.96
N VAL B 331 -1.36 -12.24 18.66
CA VAL B 331 -0.02 -12.06 19.21
C VAL B 331 0.77 -11.24 18.19
N LYS B 332 1.96 -10.76 18.59
CA LYS B 332 2.73 -9.85 17.75
C LYS B 332 3.21 -10.49 16.44
N ASP B 333 3.43 -11.80 16.46
CA ASP B 333 3.99 -12.47 15.27
C ASP B 333 3.23 -13.74 14.89
N GLU B 334 2.01 -13.55 14.41
CA GLU B 334 1.15 -14.69 14.10
C GLU B 334 1.78 -15.70 13.14
N GLY B 335 2.56 -15.22 12.18
CA GLY B 335 2.99 -16.08 11.09
C GLY B 335 4.32 -16.78 11.21
N SER B 336 5.17 -16.31 12.11
CA SER B 336 6.56 -16.79 12.18
C SER B 336 6.69 -18.30 12.39
N TYR B 337 5.90 -18.85 13.32
CA TYR B 337 5.95 -20.26 13.69
C TYR B 337 5.81 -21.18 12.47
N PHE B 338 4.92 -20.81 11.55
CA PHE B 338 4.52 -21.69 10.45
C PHE B 338 5.53 -21.78 9.30
N LEU B 339 6.43 -20.81 9.24
CA LEU B 339 7.40 -20.72 8.15
C LEU B 339 8.28 -21.97 8.13
N VAL B 340 8.67 -22.43 9.31
CA VAL B 340 9.59 -23.57 9.41
C VAL B 340 8.95 -24.91 9.06
N TYR B 341 7.66 -24.88 8.73
CA TYR B 341 6.88 -26.08 8.40
C TYR B 341 6.63 -26.25 6.91
N GLY B 342 7.38 -25.54 6.07
CA GLY B 342 7.18 -25.67 4.64
C GLY B 342 7.91 -24.69 3.74
N VAL B 343 8.20 -23.50 4.25
CA VAL B 343 8.86 -22.46 3.46
C VAL B 343 10.39 -22.60 3.46
N PRO B 344 10.97 -22.91 2.31
CA PRO B 344 12.42 -23.11 2.17
C PRO B 344 13.20 -21.90 2.66
N GLY B 345 14.29 -22.15 3.38
CA GLY B 345 15.12 -21.08 3.90
C GLY B 345 14.87 -20.78 5.37
N PHE B 346 13.79 -21.33 5.92
CA PHE B 346 13.44 -21.09 7.30
C PHE B 346 13.75 -22.27 8.21
N SER B 347 14.27 -21.98 9.39
CA SER B 347 14.65 -23.00 10.36
C SER B 347 14.78 -22.40 11.75
N LYS B 348 14.50 -23.19 12.77
CA LYS B 348 14.60 -22.73 14.15
C LYS B 348 16.06 -22.59 14.55
N ASP B 349 16.94 -23.20 13.76
CA ASP B 349 18.36 -23.28 14.12
C ASP B 349 19.28 -22.17 13.54
N ASN B 350 18.77 -21.37 12.61
CA ASN B 350 19.48 -20.17 12.15
C ASN B 350 18.55 -18.96 12.02
N GLU B 351 19.11 -17.79 11.74
CA GLU B 351 18.32 -16.57 11.70
C GLU B 351 17.41 -16.47 10.47
N SER B 352 17.48 -17.49 9.60
CA SER B 352 16.56 -17.58 8.48
C SER B 352 16.54 -16.32 7.59
N LEU B 353 17.71 -15.80 7.26
CA LEU B 353 17.78 -14.68 6.36
C LEU B 353 17.55 -15.20 4.96
N ILE B 354 16.55 -14.65 4.28
CA ILE B 354 16.16 -15.17 2.98
C ILE B 354 16.45 -14.20 1.83
N SER B 355 16.65 -14.75 0.64
CA SER B 355 16.83 -13.96 -0.57
C SER B 355 15.47 -13.53 -1.09
N ARG B 356 15.50 -12.62 -2.06
CA ARG B 356 14.28 -12.15 -2.67
C ARG B 356 13.56 -13.29 -3.40
N ALA B 357 14.34 -14.17 -4.01
CA ALA B 357 13.80 -15.30 -4.74
C ALA B 357 12.97 -16.15 -3.79
N GLN B 358 13.61 -16.55 -2.69
CA GLN B 358 12.97 -17.32 -1.63
C GLN B 358 11.71 -16.64 -1.11
N PHE B 359 11.70 -15.31 -1.11
CA PHE B 359 10.54 -14.57 -0.63
C PHE B 359 9.35 -14.74 -1.57
N LEU B 360 9.59 -14.71 -2.88
CA LEU B 360 8.53 -14.89 -3.86
C LEU B 360 8.01 -16.33 -3.82
N ALA B 361 8.94 -17.28 -3.73
CA ALA B 361 8.59 -18.68 -3.63
C ALA B 361 7.77 -18.91 -2.37
N GLY B 362 8.15 -18.22 -1.30
CA GLY B 362 7.49 -18.36 -0.03
C GLY B 362 6.06 -17.88 -0.08
N VAL B 363 5.82 -16.79 -0.81
CA VAL B 363 4.47 -16.23 -0.94
C VAL B 363 3.45 -17.20 -1.58
N ARG B 364 3.91 -18.02 -2.53
CA ARG B 364 3.01 -18.94 -3.23
C ARG B 364 2.62 -20.06 -2.29
N ILE B 365 3.37 -20.21 -1.20
CA ILE B 365 3.13 -21.26 -0.25
C ILE B 365 2.28 -20.75 0.91
N GLY B 366 2.51 -19.51 1.32
CA GLY B 366 1.74 -18.90 2.39
C GLY B 366 0.41 -18.38 1.89
N VAL B 367 0.30 -18.19 0.58
CA VAL B 367 -0.97 -17.78 -0.01
C VAL B 367 -1.27 -18.68 -1.19
N PRO B 368 -1.53 -19.95 -0.90
CA PRO B 368 -1.62 -21.06 -1.85
C PRO B 368 -2.77 -20.87 -2.81
N GLN B 369 -3.80 -20.14 -2.40
CA GLN B 369 -4.97 -19.99 -3.24
C GLN B 369 -4.81 -18.84 -4.24
N ALA B 370 -3.68 -18.14 -4.17
CA ALA B 370 -3.47 -16.92 -4.96
C ALA B 370 -3.05 -17.15 -6.39
N SER B 371 -3.69 -16.43 -7.30
CA SER B 371 -3.25 -16.35 -8.69
C SER B 371 -1.90 -15.65 -8.77
N ASP B 372 -1.23 -15.81 -9.91
CA ASP B 372 0.03 -15.12 -10.14
C ASP B 372 -0.11 -13.64 -9.84
N LEU B 373 -1.16 -13.04 -10.41
CA LEU B 373 -1.38 -11.61 -10.24
C LEU B 373 -1.59 -11.21 -8.79
N ALA B 374 -2.35 -12.02 -8.05
CA ALA B 374 -2.59 -11.78 -6.64
C ALA B 374 -1.32 -11.95 -5.82
N ALA B 375 -0.56 -13.00 -6.12
CA ALA B 375 0.72 -13.22 -5.48
C ALA B 375 1.64 -12.04 -5.78
N GLU B 376 1.60 -11.57 -7.02
CA GLU B 376 2.36 -10.40 -7.41
C GLU B 376 2.00 -9.21 -6.52
N ALA B 377 0.70 -8.98 -6.37
CA ALA B 377 0.22 -7.90 -5.50
C ALA B 377 0.75 -8.03 -4.08
N VAL B 378 0.80 -9.25 -3.55
CA VAL B 378 1.25 -9.46 -2.18
C VAL B 378 2.73 -9.12 -2.04
N VAL B 379 3.55 -9.64 -2.94
CA VAL B 379 4.98 -9.34 -2.94
C VAL B 379 5.26 -7.83 -3.01
N LEU B 380 4.50 -7.12 -3.83
CA LEU B 380 4.75 -5.69 -4.04
C LEU B 380 4.28 -4.87 -2.85
N HIS B 381 3.31 -5.39 -2.09
CA HIS B 381 2.79 -4.69 -0.92
C HIS B 381 3.71 -4.83 0.29
N TYR B 382 4.34 -6.00 0.43
CA TYR B 382 5.11 -6.32 1.64
C TYR B 382 6.60 -6.07 1.49
N THR B 383 7.04 -5.92 0.24
CA THR B 383 8.42 -5.49 -0.02
C THR B 383 8.63 -4.09 0.52
N ASP B 384 9.71 -3.91 1.28
CA ASP B 384 10.12 -2.57 1.68
C ASP B 384 11.01 -2.00 0.57
N TRP B 385 10.45 -1.09 -0.23
CA TRP B 385 11.14 -0.64 -1.44
C TRP B 385 12.35 0.26 -1.17
N LEU B 386 12.59 0.57 0.10
CA LEU B 386 13.79 1.29 0.49
C LEU B 386 14.93 0.29 0.69
N HIS B 387 14.54 -0.96 0.97
CA HIS B 387 15.47 -2.07 1.15
C HIS B 387 14.86 -3.34 0.57
N PRO B 388 14.60 -3.34 -0.74
CA PRO B 388 13.89 -4.44 -1.42
C PRO B 388 14.60 -5.79 -1.35
N GLU B 389 15.91 -5.79 -1.09
CA GLU B 389 16.70 -7.01 -1.15
C GLU B 389 17.22 -7.43 0.22
N ASP B 390 16.95 -6.62 1.24
CA ASP B 390 17.47 -6.87 2.58
C ASP B 390 16.87 -8.13 3.19
N PRO B 391 17.73 -9.11 3.50
CA PRO B 391 17.33 -10.43 4.01
C PRO B 391 16.49 -10.36 5.28
N THR B 392 16.89 -9.54 6.26
CA THR B 392 16.11 -9.35 7.48
C THR B 392 14.68 -8.87 7.22
N HIS B 393 14.56 -7.90 6.32
N HIS B 393 14.52 -7.88 6.34
CA HIS B 393 13.26 -7.32 5.95
CA HIS B 393 13.16 -7.39 6.07
C HIS B 393 12.40 -8.34 5.23
C HIS B 393 12.36 -8.39 5.24
N LEU B 394 13.04 -9.09 4.35
CA LEU B 394 12.37 -10.10 3.56
C LEU B 394 11.87 -11.24 4.44
N ARG B 395 12.70 -11.63 5.41
CA ARG B 395 12.32 -12.67 6.38
C ARG B 395 11.12 -12.22 7.21
N ASP B 396 11.24 -11.06 7.84
CA ASP B 396 10.16 -10.54 8.69
C ASP B 396 8.89 -10.28 7.89
N ALA B 397 9.05 -9.95 6.61
CA ALA B 397 7.89 -9.70 5.74
C ALA B 397 7.18 -11.02 5.44
N MET B 398 7.96 -12.09 5.31
CA MET B 398 7.39 -13.39 5.02
C MET B 398 6.49 -13.82 6.19
N SER B 399 7.01 -13.72 7.40
CA SER B 399 6.24 -13.94 8.62
C SER B 399 4.96 -13.11 8.66
N ALA B 400 5.07 -11.84 8.25
CA ALA B 400 3.93 -10.92 8.28
C ALA B 400 2.85 -11.25 7.26
N VAL B 401 3.26 -11.68 6.07
CA VAL B 401 2.30 -12.16 5.07
C VAL B 401 1.44 -13.30 5.63
N VAL B 402 2.09 -14.27 6.26
CA VAL B 402 1.38 -15.44 6.77
C VAL B 402 0.47 -15.08 7.94
N GLY B 403 0.99 -14.30 8.88
CA GLY B 403 0.22 -13.85 10.02
C GLY B 403 -0.98 -13.00 9.63
N ASP B 404 -0.75 -12.05 8.72
CA ASP B 404 -1.82 -11.15 8.31
C ASP B 404 -2.93 -11.86 7.54
N HIS B 405 -2.55 -12.65 6.55
CA HIS B 405 -3.50 -13.37 5.70
C HIS B 405 -4.34 -14.35 6.52
N ASN B 406 -3.71 -15.02 7.48
CA ASN B 406 -4.36 -16.10 8.22
C ASN B 406 -5.01 -15.70 9.55
N VAL B 407 -4.46 -14.72 10.24
CA VAL B 407 -4.99 -14.34 11.56
C VAL B 407 -5.39 -12.86 11.70
N VAL B 408 -4.42 -11.95 11.54
CA VAL B 408 -4.65 -10.54 11.90
C VAL B 408 -5.81 -9.92 11.12
N CYS B 409 -5.83 -10.13 9.81
CA CYS B 409 -6.85 -9.50 9.01
C CYS B 409 -8.23 -10.20 9.11
N PRO B 410 -8.25 -11.54 9.18
CA PRO B 410 -9.52 -12.19 9.56
C PRO B 410 -10.07 -11.67 10.89
N VAL B 411 -9.19 -11.48 11.87
CA VAL B 411 -9.59 -10.90 13.16
C VAL B 411 -10.10 -9.45 13.04
N ALA B 412 -9.41 -8.62 12.25
CA ALA B 412 -9.86 -7.24 12.02
C ALA B 412 -11.22 -7.21 11.33
N GLN B 413 -11.40 -8.09 10.35
CA GLN B 413 -12.68 -8.24 9.66
C GLN B 413 -13.83 -8.66 10.61
N LEU B 414 -13.60 -9.68 11.45
CA LEU B 414 -14.62 -10.12 12.39
C LEU B 414 -14.97 -9.02 13.39
N ALA B 415 -13.93 -8.46 14.02
CA ALA B 415 -14.10 -7.38 15.00
C ALA B 415 -14.95 -6.25 14.42
N GLY B 416 -14.68 -5.92 13.17
CA GLY B 416 -15.36 -4.83 12.51
C GLY B 416 -16.81 -5.14 12.21
N ARG B 417 -17.07 -6.33 11.67
CA ARG B 417 -18.45 -6.74 11.42
C ARG B 417 -19.24 -6.88 12.73
N LEU B 418 -18.64 -7.49 13.75
CA LEU B 418 -19.32 -7.63 15.04
C LEU B 418 -19.68 -6.27 15.66
N ALA B 419 -18.73 -5.35 15.63
CA ALA B 419 -18.92 -4.02 16.21
C ALA B 419 -20.04 -3.28 15.50
N ALA B 420 -19.98 -3.27 14.17
CA ALA B 420 -20.97 -2.58 13.36
C ALA B 420 -22.37 -3.17 13.53
N GLN B 421 -22.44 -4.48 13.76
CA GLN B 421 -23.72 -5.15 13.83
C GLN B 421 -24.17 -5.44 15.27
N GLY B 422 -23.78 -4.56 16.19
CA GLY B 422 -24.40 -4.52 17.51
C GLY B 422 -23.63 -5.15 18.65
N ALA B 423 -22.52 -5.82 18.38
CA ALA B 423 -21.81 -6.52 19.45
C ALA B 423 -20.91 -5.59 20.24
N ARG B 424 -20.66 -5.94 21.50
CA ARG B 424 -19.61 -5.29 22.26
C ARG B 424 -18.31 -6.05 22.09
N VAL B 425 -17.32 -5.35 21.56
CA VAL B 425 -16.05 -5.96 21.20
C VAL B 425 -14.90 -5.29 21.92
N TYR B 426 -13.96 -6.08 22.41
CA TYR B 426 -12.75 -5.58 23.00
C TYR B 426 -11.65 -6.29 22.27
N ALA B 427 -10.66 -5.53 21.79
CA ALA B 427 -9.60 -6.15 21.01
C ALA B 427 -8.25 -5.88 21.65
N TYR B 428 -7.30 -6.78 21.44
CA TYR B 428 -5.96 -6.59 21.98
C TYR B 428 -4.93 -7.08 21.00
N ILE B 429 -3.69 -6.67 21.22
CA ILE B 429 -2.56 -7.34 20.63
C ILE B 429 -1.60 -7.67 21.76
N PHE B 430 -1.03 -8.86 21.72
CA PHE B 430 -0.24 -9.39 22.80
C PHE B 430 1.21 -9.37 22.36
N GLU B 431 2.05 -8.66 23.11
CA GLU B 431 3.39 -8.32 22.62
C GLU B 431 4.51 -8.79 23.51
N HIS B 432 4.18 -9.49 24.59
CA HIS B 432 5.24 -9.97 25.45
C HIS B 432 5.71 -11.35 25.01
N ARG B 433 7.03 -11.50 24.89
CA ARG B 433 7.64 -12.76 24.53
C ARG B 433 8.15 -13.42 25.80
N ALA B 434 7.80 -14.69 26.00
CA ALA B 434 8.14 -15.40 27.22
C ALA B 434 9.65 -15.52 27.36
N SER B 435 10.15 -15.29 28.58
CA SER B 435 11.57 -15.44 28.87
C SER B 435 12.02 -16.88 28.73
N THR B 436 11.06 -17.81 28.74
CA THR B 436 11.34 -19.24 28.71
C THR B 436 11.24 -19.84 27.31
N LEU B 437 10.87 -19.02 26.33
CA LEU B 437 10.66 -19.49 24.97
C LEU B 437 11.90 -20.15 24.39
N THR B 438 11.72 -21.33 23.79
CA THR B 438 12.85 -22.08 23.23
C THR B 438 13.02 -21.88 21.71
N TRP B 439 12.03 -21.29 21.06
CA TRP B 439 12.18 -20.89 19.65
C TRP B 439 13.13 -19.68 19.51
N PRO B 440 13.66 -19.46 18.30
CA PRO B 440 14.65 -18.39 18.06
C PRO B 440 14.04 -16.99 18.26
N LEU B 441 14.92 -16.01 18.40
CA LEU B 441 14.48 -14.62 18.57
C LEU B 441 13.73 -14.10 17.35
N TRP B 442 14.11 -14.57 16.17
CA TRP B 442 13.51 -14.01 14.95
C TRP B 442 12.02 -14.27 14.84
N MET B 443 11.53 -15.28 15.56
CA MET B 443 10.12 -15.63 15.54
C MET B 443 9.32 -14.71 16.44
N GLY B 444 10.03 -13.91 17.23
CA GLY B 444 9.41 -12.97 18.16
C GLY B 444 8.42 -13.60 19.14
N VAL B 445 7.16 -13.13 19.08
CA VAL B 445 6.09 -13.66 19.90
C VAL B 445 5.22 -14.54 19.01
N PRO B 446 5.46 -15.86 19.04
CA PRO B 446 4.81 -16.72 18.03
C PRO B 446 3.38 -17.10 18.37
N HIS B 447 2.67 -17.56 17.34
CA HIS B 447 1.32 -18.10 17.46
C HIS B 447 1.19 -19.10 18.64
N GLY B 448 0.36 -18.74 19.62
CA GLY B 448 0.06 -19.65 20.71
C GLY B 448 0.78 -19.41 22.02
N TYR B 449 1.69 -18.45 22.06
CA TYR B 449 2.47 -18.22 23.27
C TYR B 449 1.94 -17.15 24.25
N GLU B 450 0.72 -16.68 24.02
CA GLU B 450 -0.01 -15.91 25.03
C GLU B 450 -0.77 -16.83 26.02
N ILE B 451 -1.03 -18.06 25.59
CA ILE B 451 -1.89 -18.99 26.35
C ILE B 451 -1.41 -19.22 27.77
N GLU B 452 -0.16 -19.64 27.92
CA GLU B 452 0.44 -19.89 29.24
C GLU B 452 0.30 -18.73 30.23
N PHE B 453 0.17 -17.51 29.72
CA PHE B 453 0.01 -16.32 30.56
C PHE B 453 -1.43 -16.12 31.01
N ILE B 454 -2.37 -16.25 30.07
CA ILE B 454 -3.79 -16.24 30.43
C ILE B 454 -4.12 -17.34 31.47
N PHE B 455 -3.57 -18.55 31.29
CA PHE B 455 -3.87 -19.64 32.23
C PHE B 455 -3.12 -19.51 33.56
N GLY B 456 -2.14 -18.61 33.62
CA GLY B 456 -1.48 -18.29 34.87
C GLY B 456 -0.29 -19.14 35.29
N LEU B 457 0.27 -19.88 34.33
CA LEU B 457 1.44 -20.74 34.63
C LEU B 457 2.63 -20.04 35.32
N PRO B 458 2.90 -18.77 34.97
CA PRO B 458 4.00 -18.05 35.64
C PRO B 458 3.87 -18.01 37.16
N LEU B 459 2.64 -18.12 37.67
CA LEU B 459 2.42 -18.20 39.12
C LEU B 459 3.06 -19.42 39.79
N ASP B 460 3.55 -20.37 38.99
CA ASP B 460 4.26 -21.52 39.53
C ASP B 460 5.76 -21.27 39.50
N PRO B 461 6.36 -21.08 40.69
CA PRO B 461 7.78 -20.74 40.89
C PRO B 461 8.73 -21.70 40.18
N SER B 462 8.36 -22.97 40.13
CA SER B 462 9.22 -24.01 39.56
C SER B 462 9.33 -23.90 38.05
N LEU B 463 8.48 -23.07 37.45
CA LEU B 463 8.47 -22.90 36.00
C LEU B 463 9.50 -21.87 35.54
N ASN B 464 10.11 -21.19 36.49
CA ASN B 464 11.27 -20.33 36.22
C ASN B 464 10.97 -19.07 35.40
N TYR B 465 9.70 -18.67 35.35
CA TYR B 465 9.31 -17.39 34.78
C TYR B 465 9.84 -16.26 35.66
N THR B 466 9.98 -15.06 35.11
CA THR B 466 10.43 -13.91 35.90
C THR B 466 9.29 -13.35 36.74
N THR B 467 9.66 -12.62 37.78
CA THR B 467 8.69 -12.04 38.69
C THR B 467 7.78 -11.01 38.01
N GLU B 468 8.29 -10.35 36.98
CA GLU B 468 7.48 -9.42 36.21
C GLU B 468 6.41 -10.17 35.43
N GLU B 469 6.81 -11.32 34.88
CA GLU B 469 5.89 -12.18 34.13
C GLU B 469 4.78 -12.74 35.02
N ARG B 470 5.08 -12.98 36.28
CA ARG B 470 4.08 -13.40 37.25
C ARG B 470 3.04 -12.29 37.39
N ILE B 471 3.50 -11.09 37.75
CA ILE B 471 2.64 -9.91 37.88
C ILE B 471 1.78 -9.64 36.65
N PHE B 472 2.38 -9.87 35.47
CA PHE B 472 1.71 -9.76 34.19
C PHE B 472 0.62 -10.82 33.98
N ALA B 473 0.92 -12.06 34.34
CA ALA B 473 -0.05 -13.15 34.20
C ALA B 473 -1.28 -12.84 35.05
N GLN B 474 -1.04 -12.36 36.27
CA GLN B 474 -2.13 -11.98 37.15
C GLN B 474 -3.03 -10.93 36.53
N ARG B 475 -2.42 -9.92 35.89
CA ARG B 475 -3.21 -8.91 35.20
C ARG B 475 -4.10 -9.55 34.14
N LEU B 476 -3.51 -10.44 33.35
CA LEU B 476 -4.24 -11.07 32.26
C LEU B 476 -5.40 -11.92 32.77
N MET B 477 -5.14 -12.70 33.81
CA MET B 477 -6.17 -13.53 34.43
C MET B 477 -7.34 -12.66 34.88
N LYS B 478 -7.03 -11.45 35.32
CA LYS B 478 -8.05 -10.50 35.76
C LYS B 478 -8.88 -9.96 34.60
N TYR B 479 -8.23 -9.60 33.50
CA TYR B 479 -8.95 -9.12 32.32
C TYR B 479 -9.93 -10.19 31.88
N TRP B 480 -9.40 -11.39 31.68
CA TRP B 480 -10.17 -12.52 31.18
C TRP B 480 -11.33 -12.94 32.11
N THR B 481 -11.07 -13.08 33.41
CA THR B 481 -12.13 -13.47 34.34
C THR B 481 -13.12 -12.32 34.57
N ASN B 482 -12.64 -11.08 34.53
CA ASN B 482 -13.53 -9.93 34.65
C ASN B 482 -14.45 -9.83 33.46
N PHE B 483 -13.94 -10.24 32.30
CA PHE B 483 -14.75 -10.29 31.10
C PHE B 483 -15.79 -11.42 31.24
N ALA B 484 -15.37 -12.57 31.75
CA ALA B 484 -16.31 -13.67 31.97
C ALA B 484 -17.43 -13.19 32.89
N ARG B 485 -17.07 -12.46 33.94
CA ARG B 485 -18.04 -12.04 34.95
C ARG B 485 -19.06 -11.05 34.41
N THR B 486 -18.60 -10.16 33.53
CA THR B 486 -19.38 -8.97 33.18
C THR B 486 -19.46 -8.62 31.69
N GLY B 487 -18.65 -9.24 30.85
CA GLY B 487 -18.58 -8.84 29.45
C GLY B 487 -17.70 -7.61 29.25
N ASP B 488 -17.01 -7.21 30.31
CA ASP B 488 -16.13 -6.04 30.30
C ASP B 488 -14.85 -6.40 31.06
N PRO B 489 -13.71 -6.38 30.38
CA PRO B 489 -12.46 -6.83 31.01
C PRO B 489 -11.91 -5.85 32.06
N ASN B 490 -12.52 -4.68 32.19
CA ASN B 490 -12.02 -3.68 33.13
C ASN B 490 -12.40 -3.97 34.59
N ASP B 491 -11.39 -3.95 35.46
CA ASP B 491 -11.61 -4.03 36.91
C ASP B 491 -12.65 -2.99 37.31
N PRO B 492 -13.67 -3.42 38.09
CA PRO B 492 -14.88 -2.63 38.35
C PRO B 492 -14.76 -1.59 39.48
N ARG B 493 -13.80 -1.76 40.38
CA ARG B 493 -13.66 -0.83 41.51
C ARG B 493 -12.27 -0.19 41.52
N ASP B 494 -11.53 -0.40 40.44
CA ASP B 494 -10.23 0.21 40.24
C ASP B 494 -10.30 1.41 39.28
N SER B 495 -9.79 2.54 39.75
CA SER B 495 -9.69 3.73 38.90
C SER B 495 -8.24 3.90 38.44
N LYS B 496 -8.04 4.64 37.36
CA LYS B 496 -6.70 4.85 36.79
C LYS B 496 -6.14 3.57 36.20
N SER B 497 -5.91 3.55 34.89
CA SER B 497 -5.38 2.34 34.25
C SER B 497 -4.46 2.54 33.02
N PRO B 498 -4.91 3.26 31.98
CA PRO B 498 -6.27 3.75 31.76
C PRO B 498 -7.15 2.58 31.31
N GLN B 499 -8.39 2.87 30.97
CA GLN B 499 -9.36 1.81 30.73
C GLN B 499 -9.20 1.13 29.37
N TRP B 500 -9.57 -0.15 29.29
CA TRP B 500 -9.61 -0.82 28.00
C TRP B 500 -10.90 -0.42 27.28
N PRO B 501 -10.78 0.35 26.18
CA PRO B 501 -12.01 0.80 25.52
C PRO B 501 -12.53 -0.24 24.53
N PRO B 502 -13.84 -0.24 24.28
CA PRO B 502 -14.47 -1.15 23.29
C PRO B 502 -13.99 -0.83 21.88
N TYR B 503 -13.79 -1.86 21.09
CA TYR B 503 -13.45 -1.66 19.68
C TYR B 503 -14.70 -1.21 18.94
N THR B 504 -14.59 -0.09 18.23
CA THR B 504 -15.70 0.45 17.45
C THR B 504 -15.27 0.65 16.01
N THR B 505 -16.23 0.75 15.10
CA THR B 505 -15.89 0.92 13.70
C THR B 505 -15.35 2.32 13.43
N ALA B 506 -15.83 3.30 14.20
CA ALA B 506 -15.38 4.67 14.02
C ALA B 506 -13.96 4.89 14.52
N ALA B 507 -13.66 4.43 15.74
CA ALA B 507 -12.36 4.72 16.33
C ALA B 507 -11.39 3.54 16.32
N GLN B 508 -11.92 2.34 16.18
CA GLN B 508 -11.08 1.15 16.00
C GLN B 508 -10.03 0.94 17.10
N GLN B 509 -10.36 1.29 18.34
CA GLN B 509 -9.42 1.18 19.46
C GLN B 509 -9.14 -0.26 19.92
N TYR B 510 -7.87 -0.55 20.17
CA TYR B 510 -7.45 -1.81 20.75
C TYR B 510 -6.33 -1.54 21.74
N VAL B 511 -5.97 -2.52 22.56
CA VAL B 511 -4.92 -2.30 23.52
C VAL B 511 -3.77 -3.28 23.34
N SER B 512 -2.57 -2.84 23.74
CA SER B 512 -1.43 -3.73 23.74
C SER B 512 -1.28 -4.36 25.12
N LEU B 513 -1.09 -5.67 25.14
CA LEU B 513 -0.90 -6.39 26.38
C LEU B 513 0.56 -6.74 26.49
N ASN B 514 1.22 -6.21 27.51
CA ASN B 514 2.64 -6.47 27.72
C ASN B 514 3.02 -6.07 29.12
N LEU B 515 4.33 -6.01 29.40
CA LEU B 515 4.80 -5.73 30.76
C LEU B 515 4.44 -4.33 31.23
N LYS B 516 4.40 -3.38 30.30
CA LYS B 516 3.99 -2.02 30.63
C LYS B 516 2.47 -1.95 30.70
N PRO B 517 1.94 -0.91 31.37
CA PRO B 517 0.49 -0.72 31.51
C PRO B 517 -0.25 -0.59 30.17
N LEU B 518 -1.54 -0.96 30.14
CA LEU B 518 -2.35 -0.86 28.91
C LEU B 518 -2.09 0.44 28.17
N GLU B 519 -1.84 0.32 26.88
CA GLU B 519 -1.73 1.47 26.00
C GLU B 519 -2.79 1.31 24.92
N VAL B 520 -3.51 2.39 24.60
CA VAL B 520 -4.59 2.33 23.62
C VAL B 520 -4.12 2.74 22.23
N ARG B 521 -4.34 1.87 21.24
CA ARG B 521 -3.98 2.15 19.85
C ARG B 521 -5.22 2.16 18.97
N ARG B 522 -5.13 2.80 17.81
CA ARG B 522 -6.25 2.87 16.88
C ARG B 522 -5.89 2.16 15.58
N GLY B 523 -6.82 1.36 15.05
CA GLY B 523 -6.62 0.71 13.77
C GLY B 523 -5.75 -0.53 13.82
N LEU B 524 -6.35 -1.68 13.52
CA LEU B 524 -5.64 -2.95 13.59
C LEU B 524 -5.09 -3.32 12.22
N ARG B 525 -3.84 -2.89 11.95
CA ARG B 525 -3.23 -2.96 10.62
C ARG B 525 -4.23 -2.50 9.59
N ALA B 526 -4.74 -1.29 9.76
CA ALA B 526 -5.88 -0.83 8.98
C ALA B 526 -5.58 -0.82 7.48
N GLN B 527 -4.44 -0.26 7.09
CA GLN B 527 -4.13 -0.12 5.66
C GLN B 527 -3.91 -1.48 5.04
N THR B 528 -3.11 -2.30 5.72
CA THR B 528 -2.75 -3.61 5.21
C THR B 528 -3.94 -4.58 5.18
N CYS B 529 -4.89 -4.43 6.11
CA CYS B 529 -6.04 -5.34 6.11
C CYS B 529 -7.11 -4.93 5.10
N ALA B 530 -7.09 -3.67 4.69
CA ALA B 530 -7.94 -3.20 3.62
C ALA B 530 -7.53 -3.84 2.29
N PHE B 531 -6.22 -3.96 2.10
CA PHE B 531 -5.69 -4.71 0.98
C PHE B 531 -6.21 -6.16 1.02
N TRP B 532 -5.95 -6.84 2.12
CA TRP B 532 -6.43 -8.22 2.27
C TRP B 532 -7.94 -8.38 2.21
N ASN B 533 -8.70 -7.55 2.93
CA ASN B 533 -10.15 -7.83 3.03
C ASN B 533 -10.99 -7.08 2.01
N ARG B 534 -10.46 -6.01 1.46
CA ARG B 534 -11.21 -5.23 0.48
C ARG B 534 -10.69 -5.39 -0.96
N PHE B 535 -9.37 -5.34 -1.15
CA PHE B 535 -8.86 -5.42 -2.51
C PHE B 535 -8.67 -6.84 -3.07
N LEU B 536 -7.91 -7.68 -2.39
CA LEU B 536 -7.66 -9.02 -2.92
C LEU B 536 -8.88 -9.80 -3.40
N PRO B 537 -10.00 -9.74 -2.65
CA PRO B 537 -11.20 -10.45 -3.10
C PRO B 537 -11.70 -9.93 -4.44
N LYS B 538 -11.68 -8.60 -4.63
CA LYS B 538 -12.07 -8.02 -5.90
C LYS B 538 -11.12 -8.46 -7.00
N LEU B 539 -9.88 -8.71 -6.63
CA LEU B 539 -8.89 -9.09 -7.62
C LEU B 539 -9.17 -10.49 -8.14
N LEU B 540 -9.11 -11.48 -7.27
CA LEU B 540 -9.34 -12.87 -7.68
C LEU B 540 -10.78 -13.07 -8.18
N SER B 541 -11.69 -12.22 -7.73
CA SER B 541 -13.07 -12.20 -8.20
C SER B 541 -13.13 -12.13 -9.74
N ALA B 542 -12.15 -11.45 -10.33
CA ALA B 542 -12.04 -11.38 -11.78
C ALA B 542 -10.67 -11.90 -12.26
N THR B 543 -9.64 -11.06 -12.08
CA THR B 543 -8.27 -11.38 -12.51
C THR B 543 -8.09 -11.37 -14.04
N ALA B 544 -8.97 -11.76 -14.79
#